data_3PDK
#
_entry.id   3PDK
#
_cell.length_a   86.064
_cell.length_b   86.064
_cell.length_c   266.844
_cell.angle_alpha   90.00
_cell.angle_beta   90.00
_cell.angle_gamma   120.00
#
_symmetry.space_group_name_H-M   'P 32 2 1'
#
loop_
_entity.id
_entity.type
_entity.pdbx_description
1 polymer 'Phosphoglucosamine mutase'
2 non-polymer 'PHOSPHATE ION'
3 water water
#
_entity_poly.entity_id   1
_entity_poly.type   'polypeptide(L)'
_entity_poly.pdbx_seq_one_letter_code
;MSYYHHHHHHLESTSLYKKAGMGKYFGTDGVRGVANKELTPELAFKIGRFGGYVLTKDTDRPKVIIGRDTRISGHMLEGA
LVAGLLSTGAEVMRLGVISTPGVAYLTKALDAQAGVMISASHNPVQDNGIKFFGSDGFKLTDEQEAEIEALLDKEVDELP
RPTGTNLGQVSDYFEGGQKYLQYIKQTVEEDFSGLHIALDCAHGATSSLAPYLFADLEADISTMGTSPNGMNINDGVGST
HPEVLAELVKEKGADIGLAFDGDGDRLIAVDEKGNIVDGDQIMFICAKYMKETGQLKHNTVVSTVMSNLGFYKALEANGI
TSDKTAVGDRYVMEEMKRGGYNLGGEQSGHIILLDYITTGDGMLSALQLVNIMKMTKKPLSELAGEMTKFPQLLVNVRVT
DKKLALENEKIKEIIRVVEEEMNGDGRILVRPSGTEPLIRVMAEAPTQEVCDAYVHRIVEVVKAEVGAE
;
_entity_poly.pdbx_strand_id   A,B
#
# COMPACT_ATOMS: atom_id res chain seq x y z
N GLY A 23 -4.84 -28.30 4.63
CA GLY A 23 -5.38 -26.97 5.01
C GLY A 23 -6.16 -26.20 3.93
N LYS A 24 -7.39 -25.82 4.26
CA LYS A 24 -8.13 -24.82 3.53
C LYS A 24 -7.61 -23.46 4.07
N TYR A 25 -7.88 -22.34 3.39
CA TYR A 25 -7.38 -21.03 3.86
C TYR A 25 -8.47 -20.19 4.51
N PHE A 26 -9.71 -20.26 4.03
CA PHE A 26 -10.75 -19.37 4.53
C PHE A 26 -11.44 -20.09 5.65
N GLY A 27 -11.29 -19.57 6.86
CA GLY A 27 -11.98 -20.18 7.99
C GLY A 27 -13.36 -19.60 8.06
N THR A 28 -13.95 -19.66 9.25
CA THR A 28 -15.36 -19.32 9.42
C THR A 28 -15.61 -17.85 9.12
N ASP A 29 -14.60 -17.00 9.33
CA ASP A 29 -14.72 -15.59 8.97
C ASP A 29 -13.47 -14.96 8.34
N GLY A 30 -13.02 -15.55 7.27
CA GLY A 30 -11.96 -14.96 6.46
C GLY A 30 -10.71 -15.77 6.67
N VAL A 31 -9.57 -15.24 6.27
CA VAL A 31 -8.35 -15.91 6.66
C VAL A 31 -7.73 -15.18 7.83
N ARG A 32 -7.60 -15.90 8.94
CA ARG A 32 -6.87 -15.44 10.12
C ARG A 32 -5.51 -16.17 10.29
N GLY A 33 -4.71 -15.79 11.27
CA GLY A 33 -3.41 -16.43 11.47
C GLY A 33 -2.37 -15.42 11.90
N VAL A 34 -1.23 -15.86 12.40
CA VAL A 34 -0.31 -14.85 12.94
C VAL A 34 0.46 -14.06 11.90
N ALA A 35 0.36 -12.75 12.02
CA ALA A 35 0.84 -11.95 10.93
C ALA A 35 2.35 -12.21 10.75
N ASN A 36 2.75 -12.43 9.50
CA ASN A 36 4.14 -12.66 9.11
C ASN A 36 4.68 -14.02 9.46
N LYS A 37 3.85 -14.86 10.08
CA LYS A 37 4.26 -16.24 10.36
C LYS A 37 3.32 -17.28 9.74
N GLU A 38 2.00 -17.04 9.74
CA GLU A 38 1.11 -17.89 8.92
C GLU A 38 0.49 -17.01 7.86
N LEU A 39 -0.08 -15.91 8.32
CA LEU A 39 -0.59 -14.87 7.44
C LEU A 39 0.60 -14.04 7.07
N THR A 40 1.28 -14.44 6.02
CA THR A 40 2.41 -13.70 5.51
C THR A 40 1.98 -12.69 4.45
N PRO A 41 2.77 -11.62 4.30
CA PRO A 41 2.69 -10.69 3.18
C PRO A 41 2.57 -11.43 1.84
N GLU A 42 3.40 -12.44 1.63
CA GLU A 42 3.29 -13.29 0.44
C GLU A 42 1.87 -13.80 0.28
N LEU A 43 1.35 -14.49 1.30
CA LEU A 43 -0.04 -14.96 1.20
C LEU A 43 -1.01 -13.78 1.03
N ALA A 44 -0.72 -12.67 1.69
CA ALA A 44 -1.74 -11.61 1.69
C ALA A 44 -1.87 -11.07 0.30
N PHE A 45 -0.75 -10.94 -0.38
CA PHE A 45 -0.74 -10.52 -1.77
C PHE A 45 -1.59 -11.43 -2.59
N LYS A 46 -1.37 -12.73 -2.47
CA LYS A 46 -2.12 -13.70 -3.28
C LYS A 46 -3.61 -13.63 -3.04
N ILE A 47 -4.00 -13.41 -1.78
CA ILE A 47 -5.42 -13.26 -1.51
C ILE A 47 -5.88 -12.03 -2.27
N GLY A 48 -5.08 -10.98 -2.33
CA GLY A 48 -5.52 -9.79 -3.07
C GLY A 48 -5.72 -10.04 -4.57
N ARG A 49 -4.78 -10.75 -5.16
CA ARG A 49 -4.81 -10.94 -6.56
C ARG A 49 -5.93 -11.96 -6.94
N PHE A 50 -5.92 -13.15 -6.34
CA PHE A 50 -6.93 -14.10 -6.68
C PHE A 50 -8.30 -13.57 -6.31
N GLY A 51 -8.35 -12.92 -5.15
CA GLY A 51 -9.55 -12.32 -4.63
C GLY A 51 -10.09 -11.32 -5.61
N GLY A 52 -9.25 -10.36 -6.00
CA GLY A 52 -9.63 -9.33 -6.97
C GLY A 52 -10.09 -9.95 -8.27
N TYR A 53 -9.38 -10.97 -8.71
CA TYR A 53 -9.67 -11.48 -10.02
C TYR A 53 -11.03 -12.17 -10.03
N VAL A 54 -11.36 -12.80 -8.90
CA VAL A 54 -12.58 -13.60 -8.82
C VAL A 54 -13.72 -12.63 -8.83
N LEU A 55 -13.52 -11.51 -8.14
CA LEU A 55 -14.60 -10.60 -7.79
C LEU A 55 -14.77 -9.52 -8.82
N THR A 56 -13.85 -9.53 -9.78
CA THR A 56 -13.65 -8.45 -10.70
C THR A 56 -13.93 -8.91 -12.09
N LYS A 57 -13.50 -10.16 -12.35
CA LYS A 57 -14.04 -11.01 -13.41
C LYS A 57 -14.99 -10.27 -14.32
N ASP A 58 -16.25 -10.19 -13.91
CA ASP A 58 -17.34 -9.83 -14.82
C ASP A 58 -17.82 -8.41 -14.64
N THR A 59 -16.85 -7.53 -14.44
CA THR A 59 -17.10 -6.10 -14.52
C THR A 59 -16.07 -5.34 -15.31
N ASP A 60 -16.59 -4.60 -16.29
CA ASP A 60 -15.91 -3.44 -16.85
C ASP A 60 -15.83 -2.36 -15.75
N ARG A 61 -14.61 -1.90 -15.49
CA ARG A 61 -14.34 -0.82 -14.49
C ARG A 61 -14.27 -1.32 -13.02
N PRO A 62 -13.58 -2.46 -12.77
CA PRO A 62 -13.65 -3.14 -11.44
C PRO A 62 -13.19 -2.27 -10.30
N LYS A 63 -13.86 -2.32 -9.14
CA LYS A 63 -13.51 -1.43 -8.02
C LYS A 63 -13.58 -2.02 -6.61
N VAL A 64 -12.44 -2.04 -5.93
CA VAL A 64 -12.39 -2.62 -4.58
C VAL A 64 -11.96 -1.63 -3.49
N ILE A 65 -12.70 -1.57 -2.38
CA ILE A 65 -12.31 -0.72 -1.22
C ILE A 65 -11.69 -1.55 -0.09
N ILE A 66 -10.72 -0.99 0.65
CA ILE A 66 -9.99 -1.70 1.70
C ILE A 66 -9.76 -0.87 2.97
N GLY A 67 -10.14 -1.40 4.15
CA GLY A 67 -9.87 -0.75 5.41
C GLY A 67 -9.26 -1.69 6.45
N ARG A 68 -9.00 -1.19 7.66
CA ARG A 68 -8.38 -2.03 8.68
C ARG A 68 -8.47 -1.48 10.10
N ASP A 69 -8.13 -2.33 11.05
CA ASP A 69 -8.03 -1.86 12.42
C ASP A 69 -6.65 -1.28 12.65
N THR A 70 -6.25 -1.13 13.90
CA THR A 70 -5.12 -0.32 14.21
C THR A 70 -3.89 -1.18 14.34
N ARG A 71 -3.99 -2.46 14.00
CA ARG A 71 -2.91 -3.39 14.30
C ARG A 71 -1.63 -2.99 13.62
N ILE A 72 -0.51 -3.16 14.31
CA ILE A 72 0.82 -2.97 13.68
C ILE A 72 0.96 -3.60 12.26
N SER A 73 0.57 -4.88 12.10
CA SER A 73 0.78 -5.62 10.87
C SER A 73 -0.17 -5.17 9.79
N GLY A 74 -1.13 -4.35 10.19
CA GLY A 74 -2.02 -3.72 9.24
C GLY A 74 -1.29 -3.18 8.02
N HIS A 75 -0.23 -2.41 8.22
CA HIS A 75 0.41 -1.81 7.08
C HIS A 75 1.10 -2.80 6.19
N MET A 76 1.86 -3.72 6.75
CA MET A 76 2.44 -4.77 5.94
C MET A 76 1.36 -5.47 5.10
N LEU A 77 0.23 -5.87 5.70
CA LEU A 77 -0.71 -6.60 4.87
C LEU A 77 -1.49 -5.70 3.87
N GLU A 78 -1.73 -4.44 4.23
CA GLU A 78 -2.41 -3.58 3.29
C GLU A 78 -1.61 -3.33 2.03
N GLY A 79 -0.28 -3.33 2.15
CA GLY A 79 0.60 -3.07 1.01
C GLY A 79 0.57 -4.23 0.04
N ALA A 80 0.49 -5.44 0.58
CA ALA A 80 0.49 -6.64 -0.23
C ALA A 80 -0.82 -6.74 -0.97
N LEU A 81 -1.91 -6.52 -0.22
CA LEU A 81 -3.28 -6.66 -0.72
C LEU A 81 -3.57 -5.64 -1.80
N VAL A 82 -3.18 -4.38 -1.54
CA VAL A 82 -3.23 -3.39 -2.61
C VAL A 82 -2.43 -3.83 -3.86
N ALA A 83 -1.19 -4.26 -3.70
CA ALA A 83 -0.41 -4.68 -4.82
C ALA A 83 -1.11 -5.80 -5.59
N GLY A 84 -1.59 -6.81 -4.86
CA GLY A 84 -2.27 -7.93 -5.51
C GLY A 84 -3.53 -7.48 -6.22
N LEU A 85 -4.32 -6.65 -5.57
CA LEU A 85 -5.51 -6.14 -6.24
C LEU A 85 -5.16 -5.41 -7.52
N LEU A 86 -4.19 -4.48 -7.43
CA LEU A 86 -3.86 -3.59 -8.55
C LEU A 86 -3.45 -4.41 -9.76
N SER A 87 -2.82 -5.54 -9.48
CA SER A 87 -2.20 -6.40 -10.49
C SER A 87 -3.23 -7.09 -11.39
N THR A 88 -4.49 -7.03 -10.99
CA THR A 88 -5.50 -7.69 -11.78
C THR A 88 -6.15 -6.66 -12.66
N GLY A 89 -5.90 -5.40 -12.39
CA GLY A 89 -6.54 -4.33 -13.12
C GLY A 89 -7.57 -3.59 -12.29
N ALA A 90 -7.74 -3.96 -11.04
CA ALA A 90 -8.82 -3.38 -10.26
C ALA A 90 -8.44 -1.99 -9.72
N GLU A 91 -9.44 -1.16 -9.48
CA GLU A 91 -9.24 0.11 -8.85
C GLU A 91 -9.30 -0.12 -7.35
N VAL A 92 -8.36 0.43 -6.59
CA VAL A 92 -8.44 0.37 -5.13
C VAL A 92 -8.71 1.74 -4.55
N MET A 93 -9.59 1.73 -3.56
CA MET A 93 -9.84 2.85 -2.66
C MET A 93 -9.47 2.53 -1.19
N ARG A 94 -8.47 3.23 -0.69
CA ARG A 94 -8.00 3.02 0.66
C ARG A 94 -8.91 3.75 1.62
N LEU A 95 -9.31 3.04 2.69
CA LEU A 95 -10.27 3.54 3.65
C LEU A 95 -9.66 4.00 4.92
N GLY A 96 -8.46 3.52 5.24
CA GLY A 96 -7.83 3.93 6.48
C GLY A 96 -8.29 3.00 7.58
N VAL A 97 -8.18 3.44 8.80
CA VAL A 97 -8.65 2.66 9.90
C VAL A 97 -10.13 2.93 10.08
N ILE A 98 -10.97 1.89 10.00
CA ILE A 98 -12.43 2.01 10.02
C ILE A 98 -12.96 0.71 10.59
N SER A 99 -14.19 0.66 11.10
CA SER A 99 -14.71 -0.60 11.65
C SER A 99 -15.11 -1.62 10.54
N THR A 100 -15.24 -2.90 10.88
CA THR A 100 -15.60 -3.81 9.78
C THR A 100 -17.00 -3.55 9.08
N PRO A 101 -18.06 -3.27 9.88
CA PRO A 101 -19.37 -2.70 9.44
C PRO A 101 -19.15 -1.50 8.54
N GLY A 102 -18.27 -0.59 8.93
CA GLY A 102 -17.96 0.49 8.00
C GLY A 102 -17.59 0.00 6.60
N VAL A 103 -16.80 -1.06 6.47
CA VAL A 103 -16.35 -1.49 5.19
C VAL A 103 -17.59 -2.03 4.49
N ALA A 104 -18.37 -2.83 5.23
CA ALA A 104 -19.61 -3.41 4.70
C ALA A 104 -20.52 -2.32 4.11
N TYR A 105 -20.86 -1.34 4.94
CA TYR A 105 -21.69 -0.23 4.50
C TYR A 105 -21.15 0.43 3.24
N LEU A 106 -19.92 0.87 3.31
CA LEU A 106 -19.29 1.54 2.22
C LEU A 106 -19.24 0.71 0.94
N THR A 107 -19.06 -0.60 1.02
CA THR A 107 -18.88 -1.29 -0.22
C THR A 107 -20.21 -1.36 -1.03
N LYS A 108 -21.31 -1.52 -0.29
CA LYS A 108 -22.63 -1.46 -0.89
C LYS A 108 -22.90 -0.04 -1.30
N ALA A 109 -22.73 0.92 -0.42
CA ALA A 109 -23.01 2.30 -0.78
C ALA A 109 -22.13 2.88 -1.88
N LEU A 110 -20.88 2.47 -2.00
CA LEU A 110 -20.10 3.09 -3.04
C LEU A 110 -20.32 2.42 -4.39
N ASP A 111 -21.03 1.31 -4.41
CA ASP A 111 -21.06 0.48 -5.62
C ASP A 111 -19.65 -0.02 -6.01
N ALA A 112 -18.86 -0.42 -5.01
CA ALA A 112 -17.67 -1.22 -5.24
C ALA A 112 -18.11 -2.64 -5.61
N GLN A 113 -17.24 -3.41 -6.26
CA GLN A 113 -17.53 -4.84 -6.34
C GLN A 113 -17.23 -5.64 -5.09
N ALA A 114 -16.22 -5.23 -4.33
CA ALA A 114 -15.87 -5.93 -3.14
C ALA A 114 -15.23 -4.96 -2.15
N GLY A 115 -15.24 -5.31 -0.87
CA GLY A 115 -14.53 -4.54 0.10
C GLY A 115 -13.77 -5.51 0.98
N VAL A 116 -12.62 -5.07 1.49
CA VAL A 116 -11.73 -5.92 2.26
C VAL A 116 -11.46 -5.23 3.60
N MET A 117 -11.39 -6.03 4.65
CA MET A 117 -11.12 -5.51 5.94
C MET A 117 -10.03 -6.31 6.53
N ILE A 118 -8.96 -5.66 6.93
CA ILE A 118 -7.84 -6.34 7.51
C ILE A 118 -7.96 -6.32 9.02
N SER A 119 -8.25 -7.46 9.60
CA SER A 119 -8.35 -7.47 11.04
C SER A 119 -8.59 -8.85 11.57
N ALA A 120 -8.25 -9.07 12.85
CA ALA A 120 -8.62 -10.31 13.58
C ALA A 120 -9.40 -9.97 14.85
N SER A 121 -10.15 -8.87 14.78
CA SER A 121 -11.25 -8.59 15.67
C SER A 121 -10.82 -8.55 17.14
N HIS A 122 -11.31 -9.44 17.98
CA HIS A 122 -10.91 -9.36 19.39
C HIS A 122 -9.60 -10.09 19.73
N ASN A 123 -9.01 -10.79 18.78
CA ASN A 123 -7.76 -11.49 19.02
C ASN A 123 -6.62 -10.55 19.32
N PRO A 124 -5.58 -11.07 20.00
CA PRO A 124 -4.41 -10.26 20.34
C PRO A 124 -3.58 -9.79 19.12
N VAL A 125 -2.78 -8.73 19.30
CA VAL A 125 -2.06 -8.05 18.20
C VAL A 125 -1.37 -8.90 17.11
N GLN A 126 -0.79 -10.05 17.50
CA GLN A 126 0.03 -10.77 16.58
C GLN A 126 -0.80 -11.29 15.46
N ASP A 127 -2.10 -11.38 15.70
CA ASP A 127 -2.97 -12.01 14.73
C ASP A 127 -3.42 -10.98 13.76
N ASN A 128 -3.68 -11.41 12.54
CA ASN A 128 -4.47 -10.57 11.72
C ASN A 128 -5.41 -11.42 10.88
N GLY A 129 -6.24 -10.77 10.05
CA GLY A 129 -7.10 -11.49 9.13
C GLY A 129 -7.62 -10.67 7.98
N ILE A 130 -8.18 -11.33 7.01
CA ILE A 130 -8.60 -10.67 5.81
C ILE A 130 -9.95 -11.22 5.55
N LYS A 131 -10.94 -10.35 5.46
CA LYS A 131 -12.35 -10.68 5.25
C LYS A 131 -12.82 -9.85 4.05
N PHE A 132 -13.58 -10.49 3.15
CA PHE A 132 -14.19 -9.84 1.99
C PHE A 132 -15.71 -9.64 2.15
N PHE A 133 -16.24 -8.50 1.73
CA PHE A 133 -17.65 -8.35 1.48
C PHE A 133 -17.82 -8.11 -0.02
N GLY A 134 -18.77 -8.81 -0.65
CA GLY A 134 -19.06 -8.55 -2.05
C GLY A 134 -19.97 -7.34 -2.20
N SER A 135 -20.46 -7.14 -3.41
CA SER A 135 -21.10 -5.89 -3.73
C SER A 135 -22.42 -5.65 -3.02
N ASP A 136 -23.06 -6.67 -2.47
CA ASP A 136 -24.33 -6.43 -1.79
C ASP A 136 -24.06 -6.23 -0.30
N GLY A 137 -22.80 -6.12 0.04
CA GLY A 137 -22.47 -5.87 1.42
C GLY A 137 -22.45 -7.11 2.27
N PHE A 138 -22.63 -8.27 1.63
CA PHE A 138 -22.55 -9.56 2.32
C PHE A 138 -21.22 -10.31 2.16
N LYS A 139 -21.14 -11.43 2.86
CA LYS A 139 -19.97 -12.29 2.79
C LYS A 139 -20.01 -12.89 1.43
N LEU A 140 -18.87 -13.38 0.95
CA LEU A 140 -18.79 -13.94 -0.39
C LEU A 140 -19.59 -15.24 -0.50
N THR A 141 -20.13 -15.54 -1.67
CA THR A 141 -20.70 -16.87 -1.82
C THR A 141 -19.58 -17.90 -1.65
N ASP A 142 -19.99 -19.01 -1.03
CA ASP A 142 -19.19 -20.23 -0.94
C ASP A 142 -18.47 -20.54 -2.21
N GLU A 143 -19.20 -20.44 -3.28
CA GLU A 143 -18.67 -20.78 -4.56
C GLU A 143 -17.54 -19.79 -4.94
N GLN A 144 -17.62 -18.54 -4.50
CA GLN A 144 -16.55 -17.55 -4.81
C GLN A 144 -15.31 -17.76 -3.97
N GLU A 145 -15.54 -17.94 -2.68
CA GLU A 145 -14.51 -18.30 -1.71
C GLU A 145 -13.81 -19.56 -2.25
N ALA A 146 -14.59 -20.55 -2.62
CA ALA A 146 -14.06 -21.77 -3.20
C ALA A 146 -13.17 -21.49 -4.40
N GLU A 147 -13.63 -20.63 -5.30
CA GLU A 147 -12.87 -20.37 -6.49
C GLU A 147 -11.54 -19.70 -6.14
N ILE A 148 -11.57 -18.87 -5.10
CA ILE A 148 -10.33 -18.25 -4.57
C ILE A 148 -9.37 -19.33 -4.06
N GLU A 149 -9.87 -20.19 -3.18
CA GLU A 149 -9.09 -21.29 -2.63
C GLU A 149 -8.44 -22.18 -3.70
N ALA A 150 -9.16 -22.48 -4.77
CA ALA A 150 -8.57 -23.27 -5.81
C ALA A 150 -7.43 -22.47 -6.47
N LEU A 151 -7.56 -21.15 -6.55
CA LEU A 151 -6.47 -20.35 -7.11
C LEU A 151 -5.23 -20.43 -6.24
N LEU A 152 -5.45 -20.36 -4.93
CA LEU A 152 -4.41 -20.54 -3.96
C LEU A 152 -3.85 -21.94 -3.99
N ASP A 153 -4.54 -22.84 -4.68
CA ASP A 153 -4.08 -24.20 -4.74
C ASP A 153 -3.14 -24.49 -5.93
N LYS A 154 -3.27 -23.74 -7.02
CA LYS A 154 -2.52 -24.06 -8.23
C LYS A 154 -1.02 -23.82 -7.99
N GLU A 155 -0.15 -24.48 -8.76
CA GLU A 155 1.31 -24.32 -8.55
C GLU A 155 1.77 -22.97 -9.12
N VAL A 156 1.32 -22.69 -10.34
CA VAL A 156 1.69 -21.51 -11.08
C VAL A 156 0.46 -20.57 -11.15
N ASP A 157 0.71 -19.27 -11.06
CA ASP A 157 -0.29 -18.23 -11.33
C ASP A 157 -0.30 -18.03 -12.87
N GLU A 158 -1.45 -18.25 -13.47
CA GLU A 158 -1.66 -18.13 -14.92
C GLU A 158 -2.80 -17.17 -15.30
N LEU A 159 -3.24 -16.38 -14.31
CA LEU A 159 -4.16 -15.27 -14.52
C LEU A 159 -3.56 -14.07 -15.30
N PRO A 160 -4.43 -13.25 -15.90
CA PRO A 160 -4.17 -11.95 -16.48
C PRO A 160 -3.13 -11.05 -15.77
N ARG A 161 -2.33 -10.39 -16.60
CA ARG A 161 -1.27 -9.55 -16.13
C ARG A 161 -1.43 -8.19 -16.81
N PRO A 162 -2.57 -7.49 -16.54
CA PRO A 162 -2.79 -6.26 -17.30
C PRO A 162 -1.56 -5.34 -17.20
N THR A 163 -1.28 -4.63 -18.28
CA THR A 163 -0.05 -3.94 -18.41
C THR A 163 -0.24 -2.47 -18.73
N GLY A 164 0.85 -1.73 -18.66
CA GLY A 164 0.82 -0.30 -18.95
C GLY A 164 -0.38 0.40 -18.37
N THR A 165 -1.12 1.07 -19.25
CA THR A 165 -2.30 1.85 -18.87
C THR A 165 -3.53 1.02 -18.51
N ASN A 166 -3.43 -0.30 -18.59
CA ASN A 166 -4.53 -1.16 -18.09
C ASN A 166 -4.36 -1.57 -16.64
N LEU A 167 -3.33 -1.03 -16.01
CA LEU A 167 -3.06 -1.36 -14.62
C LEU A 167 -4.08 -0.69 -13.76
N GLY A 168 -4.39 -1.36 -12.66
CA GLY A 168 -5.10 -0.77 -11.53
C GLY A 168 -4.57 0.54 -10.97
N GLN A 169 -5.52 1.41 -10.64
CA GLN A 169 -5.34 2.73 -10.06
C GLN A 169 -5.74 2.65 -8.58
N VAL A 170 -5.06 3.40 -7.73
CA VAL A 170 -5.43 3.46 -6.32
C VAL A 170 -5.71 4.88 -5.89
N SER A 171 -6.56 5.05 -4.90
CA SER A 171 -6.72 6.39 -4.37
C SER A 171 -7.24 6.29 -2.95
N ASP A 172 -7.29 7.45 -2.31
CA ASP A 172 -7.74 7.50 -0.95
C ASP A 172 -9.18 7.89 -0.91
N TYR A 173 -9.92 7.20 -0.06
CA TYR A 173 -11.29 7.57 0.20
C TYR A 173 -11.49 7.71 1.69
N PHE A 174 -10.84 8.69 2.28
CA PHE A 174 -10.85 8.78 3.74
C PHE A 174 -12.12 9.41 4.25
N GLU A 175 -12.84 10.10 3.35
CA GLU A 175 -14.22 10.52 3.59
C GLU A 175 -15.11 9.35 4.04
N GLY A 176 -14.74 8.13 3.68
CA GLY A 176 -15.59 6.96 3.87
C GLY A 176 -16.08 6.80 5.29
N GLY A 177 -15.15 6.88 6.22
CA GLY A 177 -15.44 6.72 7.61
C GLY A 177 -16.49 7.70 8.09
N GLN A 178 -16.41 8.93 7.64
CA GLN A 178 -17.42 9.84 8.16
C GLN A 178 -18.76 9.75 7.41
N LYS A 179 -18.73 9.29 6.15
CA LYS A 179 -19.97 9.04 5.43
C LYS A 179 -20.68 8.00 6.25
N TYR A 180 -19.93 6.99 6.64
CA TYR A 180 -20.44 5.93 7.45
C TYR A 180 -21.02 6.46 8.77
N LEU A 181 -20.29 7.39 9.37
CA LEU A 181 -20.65 7.96 10.64
C LEU A 181 -21.98 8.69 10.49
N GLN A 182 -22.06 9.52 9.46
CA GLN A 182 -23.25 10.30 9.28
C GLN A 182 -24.42 9.35 9.13
N TYR A 183 -24.23 8.26 8.42
CA TYR A 183 -25.29 7.33 8.15
C TYR A 183 -25.83 6.61 9.39
N ILE A 184 -24.96 6.15 10.28
CA ILE A 184 -25.52 5.49 11.43
C ILE A 184 -26.06 6.51 12.38
N LYS A 185 -25.40 7.65 12.45
CA LYS A 185 -25.82 8.69 13.38
C LYS A 185 -27.27 8.97 13.16
N GLN A 186 -27.69 9.17 11.93
CA GLN A 186 -29.07 9.52 11.69
C GLN A 186 -30.10 8.37 11.90
N THR A 187 -29.70 7.24 12.43
CA THR A 187 -30.70 6.24 12.80
C THR A 187 -31.26 6.51 14.20
N VAL A 188 -31.01 7.70 14.74
CA VAL A 188 -31.32 7.95 16.13
C VAL A 188 -32.50 8.92 16.24
N GLU A 189 -33.24 8.87 17.35
CA GLU A 189 -34.45 9.69 17.53
C GLU A 189 -34.06 11.14 17.86
N GLU A 190 -33.99 11.57 19.12
CA GLU A 190 -33.21 12.78 19.35
C GLU A 190 -31.83 12.43 19.84
N ASP A 191 -31.06 13.46 20.21
CA ASP A 191 -29.67 13.31 20.63
C ASP A 191 -29.57 12.76 22.06
N PHE A 192 -28.32 12.66 22.56
CA PHE A 192 -28.02 12.02 23.84
C PHE A 192 -27.78 12.97 25.02
N SER A 193 -28.29 14.19 24.92
CA SER A 193 -27.93 15.13 25.93
C SER A 193 -28.49 14.69 27.28
N GLY A 194 -27.77 15.06 28.33
CA GLY A 194 -28.08 14.63 29.70
C GLY A 194 -27.49 13.29 30.13
N LEU A 195 -27.02 12.48 29.17
CA LEU A 195 -26.43 11.22 29.52
C LEU A 195 -24.94 11.33 29.66
N HIS A 196 -24.36 10.56 30.59
CA HIS A 196 -22.90 10.40 30.62
C HIS A 196 -22.58 8.99 30.10
N ILE A 197 -21.79 8.91 29.04
CA ILE A 197 -21.50 7.65 28.38
C ILE A 197 -20.01 7.34 28.42
N ALA A 198 -19.61 6.21 28.99
CA ALA A 198 -18.18 5.89 28.99
C ALA A 198 -17.95 4.95 27.85
N LEU A 199 -16.80 5.08 27.16
CA LEU A 199 -16.49 4.16 26.05
C LEU A 199 -15.17 3.41 26.26
N ASP A 200 -15.14 2.15 25.84
CA ASP A 200 -13.89 1.43 25.72
C ASP A 200 -13.80 0.93 24.28
N CYS A 201 -12.91 1.52 23.50
CA CYS A 201 -12.78 1.24 22.10
C CYS A 201 -11.72 0.20 21.78
N ALA A 202 -11.33 -0.59 22.78
CA ALA A 202 -10.28 -1.59 22.61
C ALA A 202 -9.00 -1.08 21.93
N HIS A 203 -8.76 0.23 21.89
CA HIS A 203 -7.61 0.71 21.12
C HIS A 203 -7.68 0.19 19.66
N GLY A 204 -8.86 -0.05 19.14
CA GLY A 204 -8.94 -0.59 17.82
C GLY A 204 -9.68 0.33 16.90
N ALA A 205 -10.36 -0.24 15.92
CA ALA A 205 -10.90 0.53 14.84
C ALA A 205 -11.80 1.69 15.30
N THR A 206 -12.48 1.53 16.43
CA THR A 206 -13.48 2.56 16.82
C THR A 206 -12.89 3.66 17.70
N SER A 207 -11.55 3.67 17.85
CA SER A 207 -10.81 4.53 18.82
C SER A 207 -10.98 6.02 18.64
N SER A 208 -11.41 6.42 17.47
CA SER A 208 -11.53 7.79 17.15
C SER A 208 -12.95 8.06 16.66
N LEU A 209 -13.55 7.10 15.99
CA LEU A 209 -14.91 7.18 15.48
C LEU A 209 -16.01 7.21 16.52
N ALA A 210 -15.89 6.32 17.49
CA ALA A 210 -16.94 6.21 18.47
C ALA A 210 -16.98 7.43 19.42
N PRO A 211 -15.81 7.89 19.92
CA PRO A 211 -15.88 9.14 20.72
C PRO A 211 -16.38 10.30 19.92
N TYR A 212 -16.00 10.41 18.65
CA TYR A 212 -16.60 11.45 17.81
C TYR A 212 -18.13 11.39 17.78
N LEU A 213 -18.61 10.18 17.54
CA LEU A 213 -20.00 9.98 17.25
C LEU A 213 -20.90 10.30 18.39
N PHE A 214 -20.53 9.87 19.58
CA PHE A 214 -21.22 10.20 20.80
C PHE A 214 -21.12 11.64 21.31
N ALA A 215 -20.00 12.29 21.02
CA ALA A 215 -19.85 13.68 21.34
C ALA A 215 -20.76 14.47 20.41
N ASP A 216 -20.76 14.10 19.14
CA ASP A 216 -21.61 14.75 18.17
C ASP A 216 -23.03 14.66 18.61
N LEU A 217 -23.35 13.56 19.29
CA LEU A 217 -24.68 13.36 19.79
C LEU A 217 -24.94 13.94 21.16
N GLU A 218 -24.07 14.86 21.60
CA GLU A 218 -24.36 15.72 22.77
C GLU A 218 -24.24 15.00 24.13
N ALA A 219 -23.61 13.83 24.19
CA ALA A 219 -23.42 13.09 25.46
C ALA A 219 -22.17 13.54 26.20
N ASP A 220 -22.13 13.44 27.52
CA ASP A 220 -20.85 13.58 28.18
C ASP A 220 -20.09 12.28 28.00
N ILE A 221 -18.78 12.35 27.78
CA ILE A 221 -17.95 11.14 27.64
C ILE A 221 -16.69 11.06 28.51
N SER A 222 -16.38 9.83 28.91
CA SER A 222 -15.10 9.42 29.48
C SER A 222 -14.65 8.29 28.58
N THR A 223 -13.40 8.29 28.16
CA THR A 223 -13.01 7.23 27.23
C THR A 223 -11.89 6.44 27.82
N MET A 224 -11.79 5.17 27.46
CA MET A 224 -10.56 4.42 27.67
C MET A 224 -10.34 3.64 26.43
N GLY A 225 -9.16 3.04 26.31
CA GLY A 225 -8.80 2.28 25.14
C GLY A 225 -9.08 3.00 23.84
N THR A 226 -8.59 4.24 23.71
CA THR A 226 -8.82 5.08 22.54
C THR A 226 -7.50 5.70 22.18
N SER A 227 -6.43 4.99 22.50
CA SER A 227 -5.08 5.48 22.28
C SER A 227 -4.23 4.42 21.56
N PRO A 228 -4.67 4.02 20.37
CA PRO A 228 -3.97 2.95 19.68
C PRO A 228 -2.57 3.38 19.31
N ASN A 229 -1.62 2.45 19.37
CA ASN A 229 -0.25 2.72 18.91
C ASN A 229 0.26 1.60 17.99
N GLY A 230 -0.55 0.57 17.78
CA GLY A 230 -0.22 -0.53 16.87
C GLY A 230 -0.03 -1.85 17.61
N MET A 231 0.27 -1.74 18.90
CA MET A 231 0.80 -2.84 19.68
C MET A 231 -0.22 -3.27 20.74
N ASN A 232 -1.26 -2.46 20.89
CA ASN A 232 -2.07 -2.46 22.12
C ASN A 232 -3.53 -2.81 21.95
N ILE A 233 -3.91 -3.07 20.69
CA ILE A 233 -5.26 -3.43 20.40
C ILE A 233 -5.70 -4.55 21.35
N ASN A 234 -6.95 -4.48 21.82
CA ASN A 234 -7.55 -5.54 22.63
C ASN A 234 -6.76 -5.95 23.86
N ASP A 235 -5.87 -5.09 24.34
CA ASP A 235 -5.05 -5.53 25.42
C ASP A 235 -5.60 -5.10 26.76
N GLY A 236 -6.30 -6.03 27.42
CA GLY A 236 -6.95 -5.77 28.73
C GLY A 236 -8.03 -4.70 28.64
N VAL A 237 -8.61 -4.60 27.45
CA VAL A 237 -9.59 -3.60 27.09
C VAL A 237 -10.48 -4.26 26.02
N GLY A 238 -11.67 -3.70 25.77
CA GLY A 238 -12.56 -4.18 24.71
C GLY A 238 -13.61 -5.12 25.26
N SER A 239 -14.52 -5.52 24.38
CA SER A 239 -15.71 -6.31 24.76
C SER A 239 -15.42 -7.60 25.49
N THR A 240 -14.27 -8.21 25.25
CA THR A 240 -13.95 -9.39 26.05
C THR A 240 -13.18 -9.13 27.34
N HIS A 241 -12.92 -7.87 27.69
CA HIS A 241 -12.37 -7.57 29.02
C HIS A 241 -13.01 -6.27 29.48
N PRO A 242 -14.33 -6.30 29.69
CA PRO A 242 -15.15 -5.11 30.00
C PRO A 242 -15.05 -4.68 31.48
N GLU A 243 -14.34 -5.46 32.29
CA GLU A 243 -14.31 -5.16 33.72
C GLU A 243 -13.62 -3.84 34.01
N VAL A 244 -12.56 -3.51 33.29
CA VAL A 244 -11.91 -2.21 33.51
C VAL A 244 -12.91 -1.10 33.16
N LEU A 245 -13.58 -1.19 32.01
CA LEU A 245 -14.67 -0.27 31.74
C LEU A 245 -15.71 -0.22 32.89
N ALA A 246 -16.10 -1.36 33.42
CA ALA A 246 -17.06 -1.35 34.49
C ALA A 246 -16.52 -0.60 35.72
N GLU A 247 -15.20 -0.63 35.91
CA GLU A 247 -14.58 0.17 36.99
C GLU A 247 -14.72 1.66 36.68
N LEU A 248 -14.37 2.04 35.45
CA LEU A 248 -14.53 3.40 34.99
C LEU A 248 -15.97 3.91 35.14
N VAL A 249 -16.97 3.07 34.83
CA VAL A 249 -18.37 3.48 34.82
C VAL A 249 -18.78 3.89 36.23
N LYS A 250 -18.38 3.06 37.18
CA LYS A 250 -18.66 3.30 38.57
C LYS A 250 -17.96 4.59 39.02
N GLU A 251 -16.65 4.69 38.82
CA GLU A 251 -15.92 5.88 39.20
C GLU A 251 -16.38 7.16 38.49
N LYS A 252 -16.52 7.15 37.18
CA LYS A 252 -16.84 8.42 36.50
C LYS A 252 -18.32 8.74 36.74
N GLY A 253 -19.00 7.78 37.38
CA GLY A 253 -20.42 7.90 37.71
C GLY A 253 -21.24 8.04 36.44
N ALA A 254 -21.12 7.08 35.55
CA ALA A 254 -21.69 7.21 34.21
C ALA A 254 -22.97 6.43 34.10
N ASP A 255 -23.68 6.61 33.01
CA ASP A 255 -24.98 5.98 32.86
C ASP A 255 -24.90 4.62 32.20
N ILE A 256 -23.87 4.44 31.39
CA ILE A 256 -23.68 3.26 30.62
C ILE A 256 -22.24 3.27 30.19
N GLY A 257 -21.69 2.06 30.18
CA GLY A 257 -20.44 1.78 29.53
C GLY A 257 -20.65 1.02 28.24
N LEU A 258 -19.81 1.34 27.27
CA LEU A 258 -19.82 0.72 25.96
C LEU A 258 -18.44 0.21 25.58
N ALA A 259 -18.32 -1.12 25.49
CA ALA A 259 -17.09 -1.83 25.07
C ALA A 259 -17.24 -2.47 23.71
N PHE A 260 -16.61 -1.87 22.73
CA PHE A 260 -16.45 -2.39 21.39
C PHE A 260 -15.24 -3.32 21.30
N ASP A 261 -15.20 -4.20 20.29
CA ASP A 261 -14.03 -5.03 20.15
C ASP A 261 -13.09 -4.38 19.15
N GLY A 262 -12.00 -5.07 18.81
CA GLY A 262 -10.98 -4.54 17.86
C GLY A 262 -11.46 -3.86 16.58
N ASP A 263 -12.57 -4.31 16.08
CA ASP A 263 -12.96 -3.92 14.76
C ASP A 263 -14.41 -3.47 14.69
N GLY A 264 -15.04 -3.41 15.88
CA GLY A 264 -16.26 -2.70 16.06
C GLY A 264 -17.47 -3.39 15.51
N ASP A 265 -17.49 -4.72 15.52
CA ASP A 265 -18.71 -5.47 15.20
C ASP A 265 -19.46 -6.01 16.40
N ARG A 266 -18.77 -6.20 17.52
CA ARG A 266 -19.37 -6.62 18.79
C ARG A 266 -19.57 -5.42 19.69
N LEU A 267 -20.58 -5.48 20.56
CA LEU A 267 -20.77 -4.47 21.62
C LEU A 267 -21.09 -5.13 22.96
N ILE A 268 -20.40 -4.75 24.02
CA ILE A 268 -20.74 -5.27 25.34
C ILE A 268 -20.97 -4.10 26.25
N ALA A 269 -22.06 -4.10 27.01
CA ALA A 269 -22.38 -2.94 27.82
C ALA A 269 -22.23 -3.12 29.34
N VAL A 270 -22.27 -2.00 30.03
CA VAL A 270 -22.09 -2.01 31.43
C VAL A 270 -23.13 -1.04 31.90
N ASP A 271 -24.04 -1.51 32.75
CA ASP A 271 -25.08 -0.65 33.36
C ASP A 271 -24.46 0.31 34.34
N GLU A 272 -25.26 1.24 34.85
CA GLU A 272 -24.75 2.29 35.74
C GLU A 272 -24.34 1.75 37.10
N LYS A 273 -24.65 0.50 37.41
CA LYS A 273 -24.29 -0.06 38.70
C LYS A 273 -22.98 -0.85 38.56
N GLY A 274 -22.43 -0.90 37.35
CA GLY A 274 -21.19 -1.63 37.08
C GLY A 274 -21.34 -3.05 36.51
N ASN A 275 -22.56 -3.54 36.35
CA ASN A 275 -22.73 -4.91 35.81
C ASN A 275 -22.60 -4.96 34.31
N ILE A 276 -22.02 -6.06 33.84
CA ILE A 276 -21.89 -6.37 32.42
C ILE A 276 -23.25 -6.71 31.88
N VAL A 277 -23.63 -6.01 30.82
CA VAL A 277 -24.83 -6.33 30.14
C VAL A 277 -24.42 -6.93 28.80
N ASP A 278 -24.63 -8.24 28.63
CA ASP A 278 -24.18 -8.97 27.41
C ASP A 278 -25.10 -8.87 26.23
N GLY A 279 -24.68 -9.54 25.15
CA GLY A 279 -25.37 -9.52 23.87
C GLY A 279 -26.81 -9.98 23.94
N ASP A 280 -27.13 -10.93 24.85
CA ASP A 280 -28.53 -11.37 25.02
C ASP A 280 -29.40 -10.26 25.59
N GLN A 281 -28.90 -9.65 26.65
CA GLN A 281 -29.57 -8.55 27.29
C GLN A 281 -29.77 -7.40 26.32
N ILE A 282 -28.72 -7.09 25.55
CA ILE A 282 -28.83 -6.00 24.56
C ILE A 282 -29.93 -6.36 23.54
N MET A 283 -29.82 -7.51 22.89
CA MET A 283 -30.84 -7.90 21.95
C MET A 283 -32.23 -7.83 22.61
N PHE A 284 -32.33 -8.32 23.83
CA PHE A 284 -33.61 -8.27 24.47
C PHE A 284 -34.14 -6.85 24.60
N ILE A 285 -33.29 -5.91 25.03
CA ILE A 285 -33.76 -4.54 25.18
C ILE A 285 -34.22 -3.98 23.82
N CYS A 286 -33.42 -4.21 22.77
CA CYS A 286 -33.77 -3.78 21.41
C CYS A 286 -35.11 -4.29 20.88
N ALA A 287 -35.36 -5.59 21.04
CA ALA A 287 -36.59 -6.16 20.51
C ALA A 287 -37.80 -5.70 21.29
N LYS A 288 -37.66 -5.59 22.60
CA LYS A 288 -38.77 -5.12 23.41
C LYS A 288 -39.23 -3.75 22.87
N TYR A 289 -38.29 -2.81 22.80
CA TYR A 289 -38.56 -1.47 22.31
C TYR A 289 -38.95 -1.43 20.82
N MET A 290 -38.27 -2.21 19.98
CA MET A 290 -38.70 -2.29 18.60
C MET A 290 -40.15 -2.78 18.36
N LYS A 291 -40.68 -3.62 19.25
CA LYS A 291 -42.00 -4.21 19.03
C LYS A 291 -43.01 -3.21 19.45
N GLU A 292 -42.71 -2.58 20.59
CA GLU A 292 -43.51 -1.51 21.10
C GLU A 292 -43.61 -0.40 20.07
N THR A 293 -42.53 -0.11 19.37
CA THR A 293 -42.63 0.92 18.36
C THR A 293 -43.04 0.44 16.94
N GLY A 294 -43.41 -0.83 16.78
CA GLY A 294 -43.87 -1.33 15.49
C GLY A 294 -42.77 -1.44 14.45
N GLN A 295 -41.54 -1.50 14.92
CA GLN A 295 -40.38 -1.51 14.04
C GLN A 295 -39.77 -2.89 13.86
N LEU A 296 -40.09 -3.84 14.72
CA LEU A 296 -39.52 -5.17 14.66
C LEU A 296 -40.20 -6.06 13.62
N LYS A 297 -39.63 -6.20 12.41
CA LYS A 297 -40.29 -6.97 11.31
C LYS A 297 -40.82 -8.35 11.77
N HIS A 298 -41.99 -8.75 11.30
CA HIS A 298 -42.65 -10.00 11.75
C HIS A 298 -42.40 -10.31 13.21
N ASN A 299 -42.25 -9.29 14.06
CA ASN A 299 -42.16 -9.48 15.52
C ASN A 299 -41.29 -10.63 16.08
N THR A 300 -40.20 -10.96 15.38
CA THR A 300 -39.34 -12.07 15.78
C THR A 300 -37.88 -11.67 15.92
N VAL A 301 -37.13 -12.43 16.71
CA VAL A 301 -35.71 -12.17 16.90
C VAL A 301 -34.89 -13.42 16.65
N VAL A 302 -33.78 -13.25 15.92
CA VAL A 302 -33.00 -14.41 15.56
C VAL A 302 -31.73 -14.53 16.39
N SER A 303 -31.57 -15.68 17.05
CA SER A 303 -30.38 -15.93 17.87
C SER A 303 -29.89 -17.32 17.56
N THR A 304 -28.64 -17.62 17.91
CA THR A 304 -28.20 -18.99 17.81
C THR A 304 -28.89 -19.72 18.93
N VAL A 305 -28.76 -21.03 18.92
CA VAL A 305 -29.33 -21.84 19.96
C VAL A 305 -28.55 -21.59 21.28
N MET A 306 -27.46 -20.85 21.16
CA MET A 306 -26.52 -20.70 22.27
C MET A 306 -26.85 -19.63 23.27
N SER A 307 -27.96 -18.94 23.08
CA SER A 307 -28.24 -17.86 24.01
C SER A 307 -29.16 -18.34 25.11
N ASN A 308 -29.12 -17.61 26.23
CA ASN A 308 -29.69 -18.06 27.50
C ASN A 308 -31.21 -18.32 27.46
N LEU A 309 -31.66 -19.31 28.22
CA LEU A 309 -33.08 -19.63 28.30
C LEU A 309 -33.94 -18.44 28.76
N GLY A 310 -33.50 -17.78 29.82
CA GLY A 310 -34.20 -16.56 30.28
C GLY A 310 -34.41 -15.52 29.20
N PHE A 311 -33.62 -15.61 28.14
CA PHE A 311 -33.73 -14.66 27.05
C PHE A 311 -34.88 -15.15 26.24
N TYR A 312 -34.96 -16.47 26.06
CA TYR A 312 -36.10 -17.07 25.35
C TYR A 312 -37.41 -16.81 26.06
N LYS A 313 -37.45 -17.10 27.37
CA LYS A 313 -38.70 -16.93 28.10
C LYS A 313 -39.06 -15.44 28.15
N ALA A 314 -38.10 -14.57 28.43
CA ALA A 314 -38.34 -13.09 28.35
C ALA A 314 -38.92 -12.69 26.99
N LEU A 315 -38.26 -13.16 25.95
CA LEU A 315 -38.68 -12.82 24.64
C LEU A 315 -40.10 -13.25 24.34
N GLU A 316 -40.61 -14.27 25.03
CA GLU A 316 -41.98 -14.74 24.76
C GLU A 316 -43.02 -14.04 25.66
N ALA A 317 -42.62 -13.82 26.92
CA ALA A 317 -43.38 -13.02 27.85
C ALA A 317 -43.83 -11.73 27.17
N ASN A 318 -42.98 -11.11 26.35
CA ASN A 318 -43.45 -10.09 25.44
C ASN A 318 -43.69 -10.84 24.16
N GLY A 319 -44.90 -10.81 23.59
CA GLY A 319 -45.22 -11.58 22.38
C GLY A 319 -44.20 -11.49 21.24
N ILE A 320 -42.99 -12.00 21.47
CA ILE A 320 -41.92 -11.90 20.49
C ILE A 320 -41.50 -13.31 20.19
N THR A 321 -41.63 -13.73 18.92
CA THR A 321 -41.35 -15.13 18.60
C THR A 321 -39.85 -15.32 18.39
N SER A 322 -39.37 -16.50 18.78
CA SER A 322 -37.94 -16.77 18.71
C SER A 322 -37.57 -17.65 17.52
N ASP A 323 -36.49 -17.30 16.81
CA ASP A 323 -36.03 -18.01 15.63
C ASP A 323 -34.61 -18.44 15.94
N LYS A 324 -34.42 -19.69 16.35
CA LYS A 324 -33.10 -20.18 16.79
C LYS A 324 -32.34 -20.94 15.72
N THR A 325 -31.03 -20.70 15.64
CA THR A 325 -30.21 -21.26 14.57
C THR A 325 -29.05 -22.02 15.17
N ALA A 326 -28.34 -22.74 14.31
CA ALA A 326 -27.06 -23.30 14.66
C ALA A 326 -26.12 -22.19 15.11
N VAL A 327 -25.05 -22.56 15.78
CA VAL A 327 -24.07 -21.62 16.28
C VAL A 327 -23.07 -21.28 15.20
N GLY A 328 -22.75 -19.99 15.09
CA GLY A 328 -22.14 -19.34 13.93
C GLY A 328 -22.95 -18.05 13.78
N ASP A 329 -22.44 -17.05 13.09
CA ASP A 329 -23.29 -15.89 12.84
C ASP A 329 -23.67 -15.81 11.35
N ARG A 330 -22.93 -16.60 10.54
CA ARG A 330 -23.34 -16.89 9.18
C ARG A 330 -24.78 -17.41 9.26
N TYR A 331 -25.05 -18.28 10.24
CA TYR A 331 -26.39 -18.84 10.45
C TYR A 331 -27.40 -17.79 10.83
N VAL A 332 -27.07 -16.99 11.85
CA VAL A 332 -28.02 -16.00 12.28
C VAL A 332 -28.32 -15.14 11.04
N MET A 333 -27.26 -14.79 10.30
CA MET A 333 -27.38 -13.89 9.21
C MET A 333 -28.20 -14.51 8.08
N GLU A 334 -27.81 -15.68 7.59
CA GLU A 334 -28.63 -16.34 6.58
C GLU A 334 -30.09 -16.48 7.00
N GLU A 335 -30.35 -16.64 8.29
CA GLU A 335 -31.72 -16.82 8.68
C GLU A 335 -32.49 -15.52 8.57
N MET A 336 -31.86 -14.42 8.98
CA MET A 336 -32.44 -13.09 8.85
C MET A 336 -32.79 -12.80 7.40
N LYS A 337 -31.83 -13.00 6.50
CA LYS A 337 -32.07 -12.78 5.07
C LYS A 337 -33.31 -13.52 4.52
N ARG A 338 -33.41 -14.79 4.81
CA ARG A 338 -34.45 -15.54 4.24
C ARG A 338 -35.78 -15.23 4.88
N GLY A 339 -35.74 -14.84 6.15
CA GLY A 339 -36.97 -14.64 6.89
C GLY A 339 -37.54 -13.25 6.70
N GLY A 340 -36.74 -12.34 6.13
CA GLY A 340 -37.13 -10.92 6.13
C GLY A 340 -37.11 -10.22 7.52
N TYR A 341 -36.22 -10.71 8.39
CA TYR A 341 -36.04 -10.22 9.75
C TYR A 341 -35.01 -9.11 9.81
N ASN A 342 -34.77 -8.60 10.98
CA ASN A 342 -34.64 -7.20 11.18
C ASN A 342 -33.70 -6.98 12.35
N LEU A 343 -33.71 -7.93 13.26
CA LEU A 343 -32.87 -7.92 14.42
C LEU A 343 -32.46 -9.33 14.71
N GLY A 344 -31.16 -9.55 14.93
CA GLY A 344 -30.64 -10.83 15.41
C GLY A 344 -29.24 -10.73 15.97
N GLY A 345 -28.73 -11.85 16.51
CA GLY A 345 -27.36 -11.90 17.00
C GLY A 345 -26.98 -12.89 18.10
N GLU A 346 -25.79 -12.69 18.64
CA GLU A 346 -25.32 -13.60 19.63
C GLU A 346 -25.03 -12.97 21.00
N GLN A 347 -24.91 -13.88 21.95
CA GLN A 347 -24.55 -13.60 23.33
C GLN A 347 -23.30 -12.72 23.45
N SER A 348 -22.41 -12.79 22.45
CA SER A 348 -21.16 -12.06 22.46
C SER A 348 -21.22 -10.55 22.06
N GLY A 349 -22.37 -10.02 21.69
CA GLY A 349 -22.44 -8.58 21.33
C GLY A 349 -22.42 -8.32 19.82
N HIS A 350 -22.10 -9.35 19.05
CA HIS A 350 -22.35 -9.34 17.62
C HIS A 350 -23.86 -9.30 17.31
N ILE A 351 -24.37 -8.13 16.95
CA ILE A 351 -25.80 -7.94 16.77
C ILE A 351 -26.09 -7.30 15.40
N ILE A 352 -27.18 -7.71 14.75
CA ILE A 352 -27.42 -7.28 13.38
C ILE A 352 -28.74 -6.58 13.29
N LEU A 353 -28.65 -5.35 12.84
CA LEU A 353 -29.78 -4.50 12.66
C LEU A 353 -29.86 -4.37 11.17
N LEU A 354 -30.50 -5.37 10.55
CA LEU A 354 -30.40 -5.55 9.11
C LEU A 354 -31.10 -4.45 8.31
N ASP A 355 -31.92 -3.67 8.97
CA ASP A 355 -32.49 -2.57 8.26
C ASP A 355 -31.44 -1.52 7.82
N TYR A 356 -30.25 -1.54 8.42
CA TYR A 356 -29.28 -0.44 8.28
C TYR A 356 -27.92 -0.89 7.76
N ILE A 357 -27.28 -1.78 8.53
CA ILE A 357 -26.02 -2.40 8.18
C ILE A 357 -26.14 -3.93 7.94
N THR A 358 -25.29 -4.45 7.04
CA THR A 358 -25.43 -5.83 6.52
C THR A 358 -24.47 -6.79 7.24
N THR A 359 -24.18 -6.53 8.51
CA THR A 359 -23.17 -7.26 9.25
C THR A 359 -23.37 -6.74 10.62
N GLY A 360 -22.83 -7.36 11.65
CA GLY A 360 -23.00 -6.77 12.97
C GLY A 360 -22.21 -5.50 13.15
N ASP A 361 -22.74 -4.60 13.96
CA ASP A 361 -22.08 -3.29 14.16
C ASP A 361 -22.19 -2.85 15.63
N GLY A 362 -21.05 -2.82 16.33
CA GLY A 362 -21.05 -2.49 17.71
C GLY A 362 -21.60 -1.09 17.92
N MET A 363 -21.12 -0.15 17.11
CA MET A 363 -21.44 1.25 17.32
C MET A 363 -22.86 1.49 16.94
N LEU A 364 -23.34 0.79 15.90
CA LEU A 364 -24.73 0.93 15.53
C LEU A 364 -25.60 0.38 16.64
N SER A 365 -25.27 -0.83 17.12
CA SER A 365 -26.15 -1.40 18.15
C SER A 365 -26.05 -0.54 19.45
N ALA A 366 -24.85 -0.11 19.84
CA ALA A 366 -24.73 0.88 20.92
C ALA A 366 -25.61 2.13 20.72
N LEU A 367 -25.74 2.62 19.49
CA LEU A 367 -26.61 3.77 19.30
C LEU A 367 -28.03 3.38 19.67
N GLN A 368 -28.55 2.34 18.99
CA GLN A 368 -29.88 1.91 19.32
C GLN A 368 -30.09 1.69 20.82
N LEU A 369 -29.08 1.13 21.51
CA LEU A 369 -29.15 0.95 22.97
C LEU A 369 -29.36 2.29 23.73
N VAL A 370 -28.48 3.25 23.47
CA VAL A 370 -28.53 4.50 24.18
C VAL A 370 -29.83 5.27 23.83
N ASN A 371 -30.28 5.13 22.59
CA ASN A 371 -31.55 5.74 22.18
C ASN A 371 -32.75 5.26 23.06
N ILE A 372 -32.77 3.96 23.41
CA ILE A 372 -33.86 3.40 24.19
C ILE A 372 -33.79 3.93 25.61
N MET A 373 -32.59 3.97 26.19
CA MET A 373 -32.43 4.62 27.51
C MET A 373 -33.00 6.00 27.42
N LYS A 374 -32.71 6.68 26.31
CA LYS A 374 -33.15 8.07 26.16
C LYS A 374 -34.66 8.23 25.97
N MET A 375 -35.25 7.45 25.05
CA MET A 375 -36.67 7.55 24.73
C MET A 375 -37.58 7.04 25.82
N THR A 376 -37.06 6.15 26.68
CA THR A 376 -37.90 5.58 27.75
C THR A 376 -37.57 6.20 29.10
N LYS A 377 -36.51 7.00 29.12
CA LYS A 377 -36.03 7.70 30.34
C LYS A 377 -35.74 6.75 31.50
N LYS A 378 -35.41 5.49 31.18
CA LYS A 378 -35.09 4.43 32.18
C LYS A 378 -33.57 4.11 32.21
N PRO A 379 -33.00 3.73 33.38
CA PRO A 379 -31.55 3.40 33.45
C PRO A 379 -31.24 1.98 32.97
N LEU A 380 -30.08 1.77 32.37
CA LEU A 380 -29.71 0.45 31.81
C LEU A 380 -30.01 -0.78 32.69
N SER A 381 -29.68 -0.70 33.97
CA SER A 381 -29.91 -1.81 34.89
C SER A 381 -31.37 -2.23 34.87
N GLU A 382 -32.23 -1.22 34.73
CA GLU A 382 -33.65 -1.42 34.66
C GLU A 382 -34.07 -2.10 33.36
N LEU A 383 -33.65 -1.53 32.22
CA LEU A 383 -34.03 -2.08 30.92
C LEU A 383 -33.63 -3.55 30.80
N ALA A 384 -32.38 -3.80 31.22
CA ALA A 384 -31.72 -5.10 31.18
C ALA A 384 -32.35 -6.09 32.12
N GLY A 385 -32.77 -5.58 33.28
CA GLY A 385 -33.37 -6.42 34.31
C GLY A 385 -34.80 -6.80 34.01
N GLU A 386 -35.30 -6.39 32.85
CA GLU A 386 -36.65 -6.81 32.37
C GLU A 386 -36.70 -8.19 31.68
N MET A 387 -35.56 -8.85 31.60
CA MET A 387 -35.46 -10.30 31.46
C MET A 387 -34.60 -10.79 32.61
N THR A 388 -34.62 -12.09 32.89
CA THR A 388 -33.72 -12.61 33.89
C THR A 388 -33.06 -13.83 33.26
N LYS A 389 -31.72 -13.75 33.15
CA LYS A 389 -30.93 -14.84 32.57
C LYS A 389 -30.96 -16.04 33.54
N PHE A 390 -31.08 -17.26 33.00
CA PHE A 390 -30.94 -18.48 33.76
C PHE A 390 -29.51 -18.78 34.21
N PRO A 391 -29.34 -19.54 35.30
CA PRO A 391 -28.01 -19.95 35.68
C PRO A 391 -27.46 -20.93 34.68
N GLN A 392 -26.23 -20.67 34.25
CA GLN A 392 -25.61 -21.39 33.13
C GLN A 392 -24.38 -22.17 33.56
N LEU A 393 -23.90 -23.02 32.67
CA LEU A 393 -22.57 -23.59 32.81
C LEU A 393 -22.22 -24.30 31.55
N LEU A 394 -21.03 -24.02 31.03
CA LEU A 394 -20.54 -24.51 29.74
C LEU A 394 -19.12 -25.00 29.93
N VAL A 395 -18.90 -26.28 29.65
CA VAL A 395 -17.53 -26.81 29.55
C VAL A 395 -17.29 -27.42 28.17
N ASN A 396 -16.24 -26.95 27.50
CA ASN A 396 -15.74 -27.58 26.28
C ASN A 396 -14.82 -28.72 26.72
N VAL A 397 -15.07 -29.94 26.26
CA VAL A 397 -14.11 -31.01 26.57
C VAL A 397 -13.36 -31.47 25.31
N ARG A 398 -12.04 -31.64 25.41
CA ARG A 398 -11.21 -32.09 24.28
C ARG A 398 -11.48 -33.54 23.86
N VAL A 399 -12.26 -33.68 22.79
CA VAL A 399 -12.60 -34.96 22.19
C VAL A 399 -11.41 -35.52 21.43
N THR A 400 -11.69 -36.44 20.50
CA THR A 400 -10.68 -37.04 19.62
C THR A 400 -11.34 -37.47 18.30
N ASP A 401 -12.08 -36.55 17.71
CA ASP A 401 -12.99 -36.80 16.56
C ASP A 401 -14.44 -36.89 17.06
N LYS A 402 -15.19 -35.84 16.74
CA LYS A 402 -16.55 -35.62 17.17
C LYS A 402 -17.56 -36.63 16.60
N LYS A 403 -17.47 -36.89 15.29
CA LYS A 403 -18.36 -37.82 14.57
C LYS A 403 -18.55 -39.19 15.23
N LEU A 404 -17.51 -39.70 15.88
CA LEU A 404 -17.65 -40.91 16.69
C LEU A 404 -18.44 -40.60 17.97
N ALA A 405 -18.07 -39.55 18.73
CA ALA A 405 -18.72 -39.21 20.03
C ALA A 405 -20.20 -38.83 19.86
N LEU A 406 -20.46 -38.09 18.78
CA LEU A 406 -21.80 -37.87 18.24
C LEU A 406 -22.57 -39.18 18.01
N GLU A 407 -21.85 -40.29 17.82
CA GLU A 407 -22.49 -41.59 17.71
C GLU A 407 -22.19 -42.47 18.96
N ASN A 408 -21.62 -41.90 20.02
CA ASN A 408 -21.16 -42.72 21.17
C ASN A 408 -22.21 -43.04 22.20
N GLU A 409 -22.68 -44.29 22.19
CA GLU A 409 -23.83 -44.74 22.97
C GLU A 409 -23.88 -44.33 24.46
N LYS A 410 -22.74 -44.37 25.17
CA LYS A 410 -22.72 -44.08 26.60
C LYS A 410 -22.98 -42.57 26.86
N ILE A 411 -22.31 -41.68 26.10
CA ILE A 411 -22.59 -40.23 26.13
C ILE A 411 -24.06 -40.01 25.81
N LYS A 412 -24.51 -40.51 24.65
CA LYS A 412 -25.88 -40.31 24.15
C LYS A 412 -26.94 -40.60 25.24
N GLU A 413 -26.71 -41.65 26.03
CA GLU A 413 -27.58 -41.98 27.15
C GLU A 413 -27.34 -41.18 28.44
N ILE A 414 -26.12 -40.70 28.72
CA ILE A 414 -25.88 -39.84 29.90
C ILE A 414 -26.69 -38.55 29.86
N ILE A 415 -26.85 -38.04 28.63
CA ILE A 415 -27.78 -36.97 28.24
C ILE A 415 -29.22 -37.38 28.52
N ARG A 416 -29.66 -38.50 27.93
CA ARG A 416 -31.02 -39.04 28.11
C ARG A 416 -31.43 -39.07 29.60
N VAL A 417 -30.47 -39.40 30.46
CA VAL A 417 -30.72 -39.51 31.91
C VAL A 417 -30.97 -38.15 32.55
N VAL A 418 -30.13 -37.16 32.21
CA VAL A 418 -30.36 -35.81 32.75
C VAL A 418 -31.57 -35.15 32.06
N GLU A 419 -31.72 -35.42 30.77
CA GLU A 419 -32.89 -34.98 30.06
C GLU A 419 -34.10 -35.45 30.84
N GLU A 420 -34.12 -36.73 31.23
CA GLU A 420 -35.25 -37.26 32.04
C GLU A 420 -35.37 -36.60 33.38
N GLU A 421 -34.25 -36.24 34.00
CA GLU A 421 -34.35 -35.57 35.30
C GLU A 421 -35.09 -34.24 35.26
N MET A 422 -34.60 -33.25 34.52
CA MET A 422 -35.37 -31.99 34.33
C MET A 422 -36.63 -32.25 33.50
N ASN A 423 -37.63 -31.38 33.63
CA ASN A 423 -38.79 -31.45 32.75
C ASN A 423 -38.40 -30.84 31.40
N GLY A 424 -38.48 -29.52 31.19
CA GLY A 424 -38.71 -28.50 32.19
C GLY A 424 -38.75 -27.09 31.58
N ASP A 425 -38.38 -26.05 32.35
CA ASP A 425 -37.67 -26.15 33.64
C ASP A 425 -36.26 -26.81 33.47
N GLY A 426 -35.62 -26.54 32.32
CA GLY A 426 -34.20 -26.82 32.06
C GLY A 426 -33.81 -27.13 30.61
N ARG A 427 -32.57 -26.86 30.21
CA ARG A 427 -32.06 -27.29 28.89
C ARG A 427 -30.65 -27.85 29.01
N ILE A 428 -30.35 -28.86 28.22
CA ILE A 428 -29.01 -29.36 28.16
C ILE A 428 -28.63 -29.09 26.68
N LEU A 429 -27.37 -28.85 26.39
CA LEU A 429 -26.95 -28.60 25.01
C LEU A 429 -25.54 -29.12 24.94
N VAL A 430 -25.37 -30.20 24.17
CA VAL A 430 -24.04 -30.75 23.96
C VAL A 430 -23.79 -30.90 22.47
N ARG A 431 -22.62 -30.44 22.01
CA ARG A 431 -22.28 -30.45 20.59
C ARG A 431 -20.92 -29.77 20.28
N PRO A 432 -20.16 -30.26 19.27
CA PRO A 432 -18.85 -29.74 18.96
C PRO A 432 -18.95 -28.71 17.83
N SER A 433 -17.83 -28.45 17.18
CA SER A 433 -17.82 -27.74 15.92
C SER A 433 -16.75 -28.29 15.01
N GLY A 434 -16.25 -27.40 14.13
CA GLY A 434 -15.13 -27.70 13.26
C GLY A 434 -14.01 -26.73 13.56
N THR A 435 -14.29 -25.78 14.46
CA THR A 435 -13.37 -24.67 14.76
C THR A 435 -12.20 -25.20 15.61
N GLU A 436 -12.37 -25.14 16.92
CA GLU A 436 -11.62 -25.99 17.82
C GLU A 436 -12.41 -27.31 17.78
N PRO A 437 -11.72 -28.47 17.88
CA PRO A 437 -12.31 -29.78 17.55
C PRO A 437 -13.29 -30.35 18.58
N LEU A 438 -13.43 -29.65 19.72
CA LEU A 438 -13.92 -30.18 20.99
C LEU A 438 -15.47 -30.18 21.13
N ILE A 439 -16.01 -31.05 22.00
CA ILE A 439 -17.46 -31.12 22.30
C ILE A 439 -17.88 -30.23 23.49
N ARG A 440 -18.94 -29.45 23.28
CA ARG A 440 -19.30 -28.38 24.20
C ARG A 440 -20.56 -28.72 25.02
N VAL A 441 -20.35 -29.24 26.23
CA VAL A 441 -21.47 -29.51 27.14
C VAL A 441 -21.88 -28.26 27.94
N MET A 442 -23.17 -27.99 27.96
CA MET A 442 -23.70 -26.77 28.52
C MET A 442 -25.05 -27.08 29.14
N ALA A 443 -25.28 -26.65 30.37
CA ALA A 443 -26.59 -26.83 30.99
C ALA A 443 -27.16 -25.53 31.51
N GLU A 444 -28.47 -25.47 31.53
CA GLU A 444 -29.16 -24.38 32.18
C GLU A 444 -30.35 -24.92 33.01
N ALA A 445 -30.45 -24.44 34.26
CA ALA A 445 -31.56 -24.80 35.16
C ALA A 445 -31.80 -23.63 36.11
N PRO A 446 -33.00 -23.54 36.72
CA PRO A 446 -33.25 -22.42 37.64
C PRO A 446 -32.23 -22.29 38.79
N THR A 447 -31.52 -23.39 39.10
CA THR A 447 -30.52 -23.39 40.16
C THR A 447 -29.15 -23.65 39.60
N GLN A 448 -28.15 -22.94 40.12
CA GLN A 448 -26.77 -23.16 39.74
C GLN A 448 -26.33 -24.59 40.04
N GLU A 449 -26.66 -25.06 41.25
CA GLU A 449 -26.23 -26.38 41.71
C GLU A 449 -26.61 -27.52 40.78
N VAL A 450 -27.87 -27.48 40.33
CA VAL A 450 -28.38 -28.51 39.46
C VAL A 450 -27.55 -28.49 38.20
N CYS A 451 -27.45 -27.32 37.59
CA CYS A 451 -26.87 -27.27 36.29
C CYS A 451 -25.34 -27.46 36.30
N ASP A 452 -24.71 -27.23 37.44
CA ASP A 452 -23.30 -27.57 37.60
C ASP A 452 -23.26 -29.07 37.60
N ALA A 453 -24.25 -29.66 38.27
CA ALA A 453 -24.26 -31.09 38.51
C ALA A 453 -24.53 -31.91 37.26
N TYR A 454 -25.38 -31.40 36.36
CA TYR A 454 -25.63 -32.13 35.14
C TYR A 454 -24.37 -32.06 34.30
N VAL A 455 -23.76 -30.89 34.31
CA VAL A 455 -22.56 -30.74 33.54
C VAL A 455 -21.43 -31.66 34.06
N HIS A 456 -21.04 -31.50 35.33
CA HIS A 456 -19.93 -32.29 35.87
C HIS A 456 -20.18 -33.75 35.47
N ARG A 457 -21.41 -34.23 35.61
CA ARG A 457 -21.78 -35.54 35.10
C ARG A 457 -21.51 -35.82 33.61
N ILE A 458 -22.16 -35.06 32.74
CA ILE A 458 -22.07 -35.28 31.31
C ILE A 458 -20.59 -35.19 30.92
N VAL A 459 -19.87 -34.30 31.61
CA VAL A 459 -18.42 -34.11 31.42
C VAL A 459 -17.54 -35.31 31.88
N GLU A 460 -17.85 -35.93 33.03
CA GLU A 460 -17.12 -37.14 33.43
C GLU A 460 -17.22 -38.18 32.33
N VAL A 461 -18.43 -38.45 31.84
CA VAL A 461 -18.63 -39.44 30.76
C VAL A 461 -17.81 -39.12 29.47
N VAL A 462 -18.00 -37.93 28.93
CA VAL A 462 -17.20 -37.54 27.77
C VAL A 462 -15.72 -37.80 28.04
N LYS A 463 -15.17 -37.14 29.07
CA LYS A 463 -13.76 -37.29 29.44
C LYS A 463 -13.25 -38.75 29.38
N ALA A 464 -13.95 -39.65 30.10
CA ALA A 464 -13.49 -41.05 30.23
C ALA A 464 -13.64 -41.89 28.94
N GLU A 465 -14.53 -41.42 28.07
CA GLU A 465 -14.94 -42.10 26.84
C GLU A 465 -14.20 -41.62 25.57
N VAL A 466 -13.60 -40.43 25.62
CA VAL A 466 -13.01 -39.83 24.42
C VAL A 466 -11.77 -38.97 24.72
N GLY A 467 -11.59 -38.55 25.98
CA GLY A 467 -10.44 -37.76 26.42
C GLY A 467 -9.14 -38.55 26.56
N LYS B 24 21.58 -11.27 -14.37
CA LYS B 24 20.18 -11.68 -14.07
C LYS B 24 19.31 -10.44 -13.71
N TYR B 25 18.60 -10.48 -12.57
CA TYR B 25 17.69 -9.37 -12.18
C TYR B 25 18.32 -7.97 -12.22
N PHE B 26 19.52 -7.81 -11.67
CA PHE B 26 20.10 -6.48 -11.54
C PHE B 26 20.75 -6.03 -12.81
N GLY B 27 20.03 -5.15 -13.52
CA GLY B 27 20.54 -4.47 -14.72
C GLY B 27 21.86 -3.78 -14.43
N THR B 28 21.93 -2.50 -14.73
CA THR B 28 23.14 -1.75 -14.43
C THR B 28 22.75 -0.46 -13.74
N ASP B 29 21.51 -0.47 -13.26
CA ASP B 29 20.80 0.72 -12.88
C ASP B 29 19.48 0.16 -12.44
N GLY B 30 19.48 -0.59 -11.33
CA GLY B 30 18.27 -1.10 -10.68
C GLY B 30 17.79 -2.44 -11.18
N VAL B 31 16.50 -2.68 -11.16
CA VAL B 31 15.99 -3.77 -11.95
C VAL B 31 14.87 -3.15 -12.73
N ARG B 32 14.93 -3.26 -14.06
CA ARG B 32 13.94 -2.70 -14.99
C ARG B 32 13.08 -3.77 -15.65
N GLY B 33 11.92 -3.39 -16.11
CA GLY B 33 11.08 -4.27 -16.87
C GLY B 33 9.77 -3.59 -16.97
N VAL B 34 8.88 -4.18 -17.75
CA VAL B 34 7.54 -3.68 -17.90
C VAL B 34 6.79 -4.16 -16.68
N ALA B 35 6.17 -3.20 -15.99
CA ALA B 35 5.49 -3.51 -14.75
C ALA B 35 4.49 -4.60 -14.95
N ASN B 36 4.38 -5.42 -13.92
CA ASN B 36 3.46 -6.54 -13.91
C ASN B 36 3.75 -7.63 -14.92
N LYS B 37 4.54 -7.42 -15.97
CA LYS B 37 4.91 -8.57 -16.84
C LYS B 37 6.27 -9.16 -16.44
N GLU B 38 7.32 -8.35 -16.35
CA GLU B 38 8.62 -8.84 -15.95
C GLU B 38 8.97 -8.32 -14.58
N LEU B 39 8.58 -7.08 -14.29
CA LEU B 39 8.77 -6.56 -12.96
C LEU B 39 7.45 -6.76 -12.25
N THR B 40 7.18 -8.01 -11.85
CA THR B 40 6.00 -8.36 -11.08
C THR B 40 5.96 -7.68 -9.69
N PRO B 41 4.76 -7.46 -9.11
CA PRO B 41 4.82 -7.06 -7.71
C PRO B 41 5.38 -8.18 -6.83
N GLU B 42 5.14 -9.45 -7.17
CA GLU B 42 5.86 -10.52 -6.51
C GLU B 42 7.40 -10.28 -6.47
N LEU B 43 8.05 -10.09 -7.63
CA LEU B 43 9.49 -9.80 -7.66
C LEU B 43 9.85 -8.64 -6.73
N ALA B 44 9.02 -7.59 -6.74
CA ALA B 44 9.28 -6.35 -6.07
C ALA B 44 9.20 -6.55 -4.57
N PHE B 45 8.22 -7.34 -4.13
CA PHE B 45 8.12 -7.73 -2.74
C PHE B 45 9.48 -8.30 -2.32
N LYS B 46 9.92 -9.38 -2.95
CA LYS B 46 11.26 -9.95 -2.69
C LYS B 46 12.40 -8.94 -2.64
N ILE B 47 12.45 -8.06 -3.62
CA ILE B 47 13.52 -7.08 -3.67
C ILE B 47 13.41 -6.22 -2.42
N GLY B 48 12.19 -5.93 -2.01
CA GLY B 48 11.95 -5.22 -0.76
C GLY B 48 12.42 -5.98 0.46
N ARG B 49 12.06 -7.24 0.57
CA ARG B 49 12.43 -8.00 1.75
C ARG B 49 13.91 -8.33 1.72
N PHE B 50 14.34 -9.02 0.68
CA PHE B 50 15.74 -9.41 0.60
C PHE B 50 16.70 -8.22 0.69
N GLY B 51 16.50 -7.21 -0.13
CA GLY B 51 17.29 -5.98 -0.06
C GLY B 51 17.29 -5.37 1.34
N GLY B 52 16.09 -5.03 1.82
CA GLY B 52 15.88 -4.63 3.20
C GLY B 52 16.76 -5.40 4.16
N TYR B 53 16.53 -6.69 4.26
CA TYR B 53 17.41 -7.56 5.03
C TYR B 53 18.90 -7.34 4.78
N VAL B 54 19.36 -7.45 3.55
CA VAL B 54 20.78 -7.36 3.32
C VAL B 54 21.28 -6.01 3.83
N LEU B 55 20.46 -4.98 3.70
CA LEU B 55 20.86 -3.59 4.04
C LEU B 55 20.62 -3.26 5.51
N THR B 56 20.03 -4.19 6.24
CA THR B 56 19.47 -3.97 7.56
C THR B 56 20.21 -4.75 8.62
N LYS B 57 20.41 -6.04 8.39
CA LYS B 57 21.29 -6.88 9.19
C LYS B 57 22.18 -6.08 10.15
N ASP B 58 23.18 -5.35 9.64
CA ASP B 58 24.16 -4.73 10.56
C ASP B 58 23.76 -3.38 11.22
N THR B 59 22.46 -3.11 11.36
CA THR B 59 21.97 -1.98 12.20
C THR B 59 20.71 -2.22 13.07
N ASP B 60 20.66 -1.51 14.19
CA ASP B 60 19.53 -1.54 15.15
C ASP B 60 18.55 -0.40 14.80
N ARG B 61 17.27 -0.63 15.07
CA ARG B 61 16.26 0.36 14.73
C ARG B 61 16.38 0.77 13.23
N PRO B 62 16.29 -0.20 12.31
CA PRO B 62 16.66 0.06 10.92
C PRO B 62 15.59 0.80 10.16
N LYS B 63 16.01 1.61 9.20
CA LYS B 63 15.15 2.59 8.57
C LYS B 63 15.43 2.78 7.06
N VAL B 64 14.38 2.57 6.26
CA VAL B 64 14.45 2.69 4.80
C VAL B 64 13.42 3.67 4.26
N ILE B 65 13.83 4.57 3.36
CA ILE B 65 12.90 5.51 2.74
C ILE B 65 12.68 5.15 1.30
N ILE B 66 11.66 5.71 0.69
CA ILE B 66 11.14 5.15 -0.55
C ILE B 66 10.30 6.19 -1.30
N GLY B 67 10.60 6.37 -2.59
CA GLY B 67 9.99 7.43 -3.34
C GLY B 67 9.70 6.94 -4.72
N ARG B 68 8.84 7.65 -5.42
CA ARG B 68 8.58 7.16 -6.75
C ARG B 68 8.30 8.30 -7.74
N ASP B 69 8.32 7.95 -9.03
CA ASP B 69 7.86 8.88 -10.05
C ASP B 69 6.39 8.67 -10.19
N THR B 70 5.83 9.20 -11.27
CA THR B 70 4.38 9.33 -11.38
C THR B 70 3.68 8.20 -12.13
N ARG B 71 4.44 7.17 -12.52
CA ARG B 71 3.85 6.05 -13.29
C ARG B 71 2.71 5.42 -12.51
N ILE B 72 1.64 5.09 -13.20
CA ILE B 72 0.56 4.32 -12.57
C ILE B 72 1.04 3.10 -11.77
N SER B 73 2.02 2.35 -12.30
CA SER B 73 2.47 1.09 -11.68
C SER B 73 3.28 1.32 -10.42
N GLY B 74 3.79 2.53 -10.29
CA GLY B 74 4.36 3.01 -9.00
C GLY B 74 3.62 2.61 -7.71
N HIS B 75 2.30 2.64 -7.71
CA HIS B 75 1.61 2.33 -6.49
C HIS B 75 1.62 0.86 -6.23
N MET B 76 1.35 0.03 -7.21
CA MET B 76 1.38 -1.41 -7.00
C MET B 76 2.76 -1.78 -6.52
N LEU B 77 3.79 -1.24 -7.18
CA LEU B 77 5.13 -1.64 -6.84
C LEU B 77 5.51 -1.15 -5.43
N GLU B 78 5.05 0.04 -5.06
CA GLU B 78 5.32 0.56 -3.73
C GLU B 78 4.70 -0.35 -2.70
N GLY B 79 3.48 -0.80 -2.96
CA GLY B 79 2.73 -1.62 -2.01
C GLY B 79 3.55 -2.85 -1.67
N ALA B 80 4.03 -3.53 -2.71
CA ALA B 80 4.81 -4.78 -2.57
C ALA B 80 6.15 -4.57 -1.89
N LEU B 81 6.81 -3.47 -2.24
CA LEU B 81 8.12 -3.12 -1.65
C LEU B 81 8.01 -2.84 -0.21
N VAL B 82 7.01 -2.06 0.16
CA VAL B 82 6.81 -1.69 1.54
C VAL B 82 6.49 -2.93 2.40
N ALA B 83 5.59 -3.79 1.89
CA ALA B 83 5.33 -5.12 2.49
C ALA B 83 6.65 -5.84 2.76
N GLY B 84 7.43 -5.98 1.71
CA GLY B 84 8.73 -6.63 1.80
C GLY B 84 9.61 -6.01 2.86
N LEU B 85 9.88 -4.71 2.80
CA LEU B 85 10.66 -4.08 3.83
C LEU B 85 10.09 -4.23 5.24
N LEU B 86 8.79 -4.07 5.40
CA LEU B 86 8.23 -4.09 6.76
C LEU B 86 8.41 -5.45 7.37
N SER B 87 8.56 -6.46 6.53
CA SER B 87 8.52 -7.84 7.01
C SER B 87 9.85 -8.30 7.62
N THR B 88 10.89 -7.51 7.41
CA THR B 88 12.21 -7.73 7.99
C THR B 88 12.33 -6.97 9.32
N GLY B 89 11.29 -6.21 9.68
CA GLY B 89 11.31 -5.39 10.87
C GLY B 89 11.70 -3.95 10.56
N ALA B 90 12.21 -3.65 9.38
CA ALA B 90 12.61 -2.26 9.07
C ALA B 90 11.49 -1.21 9.21
N GLU B 91 11.81 0.02 9.58
CA GLU B 91 10.87 1.14 9.57
C GLU B 91 10.90 1.70 8.16
N VAL B 92 9.77 2.18 7.67
CA VAL B 92 9.74 2.69 6.30
C VAL B 92 9.23 4.12 6.28
N MET B 93 9.89 5.00 5.57
CA MET B 93 9.30 6.31 5.35
C MET B 93 8.91 6.54 3.88
N ARG B 94 7.62 6.78 3.67
CA ARG B 94 7.06 6.99 2.37
C ARG B 94 7.23 8.45 1.92
N LEU B 95 7.94 8.68 0.83
CA LEU B 95 8.18 10.05 0.28
C LEU B 95 7.13 10.59 -0.72
N GLY B 96 6.35 9.70 -1.31
CA GLY B 96 5.43 10.09 -2.37
C GLY B 96 6.27 10.36 -3.60
N VAL B 97 5.74 11.19 -4.48
CA VAL B 97 6.38 11.43 -5.76
C VAL B 97 7.49 12.39 -5.49
N ILE B 98 8.69 12.06 -5.97
CA ILE B 98 9.91 12.78 -5.68
C ILE B 98 10.97 12.35 -6.72
N SER B 99 11.93 13.19 -7.04
CA SER B 99 12.86 12.80 -8.09
C SER B 99 13.87 11.84 -7.50
N THR B 100 14.56 11.10 -8.38
CA THR B 100 15.49 10.15 -7.85
C THR B 100 16.65 10.81 -7.10
N PRO B 101 17.36 11.78 -7.70
CA PRO B 101 18.34 12.45 -6.83
C PRO B 101 17.80 12.85 -5.41
N GLY B 102 16.52 13.18 -5.33
CA GLY B 102 15.91 13.52 -4.03
C GLY B 102 15.95 12.31 -3.09
N VAL B 103 15.65 11.14 -3.66
CA VAL B 103 15.73 9.94 -2.83
C VAL B 103 17.13 9.81 -2.31
N ALA B 104 18.12 9.94 -3.20
CA ALA B 104 19.51 9.90 -2.79
C ALA B 104 19.94 11.00 -1.80
N TYR B 105 19.37 12.20 -1.91
CA TYR B 105 19.81 13.26 -1.01
C TYR B 105 19.35 12.98 0.42
N LEU B 106 18.12 12.49 0.53
CA LEU B 106 17.44 12.29 1.76
C LEU B 106 17.97 11.09 2.43
N THR B 107 18.28 10.05 1.68
CA THR B 107 18.84 8.90 2.36
C THR B 107 20.25 9.13 2.93
N LYS B 108 21.08 9.98 2.31
CA LYS B 108 22.26 10.49 3.04
C LYS B 108 21.82 11.32 4.25
N ALA B 109 20.99 12.34 4.02
CA ALA B 109 20.59 13.34 5.04
C ALA B 109 19.79 12.81 6.24
N LEU B 110 18.69 12.11 6.02
CA LEU B 110 17.92 11.59 7.16
C LEU B 110 18.55 10.41 7.85
N ASP B 111 19.79 10.06 7.52
CA ASP B 111 20.46 8.93 8.21
C ASP B 111 19.45 7.75 8.30
N ALA B 112 19.13 7.22 7.12
CA ALA B 112 18.51 5.93 6.96
C ALA B 112 19.60 5.01 6.42
N GLN B 113 19.36 3.71 6.39
CA GLN B 113 20.40 2.82 5.90
C GLN B 113 20.33 2.65 4.37
N ALA B 114 19.15 2.93 3.80
CA ALA B 114 18.88 2.79 2.36
C ALA B 114 17.75 3.70 1.88
N GLY B 115 17.80 4.06 0.60
CA GLY B 115 16.69 4.75 -0.02
C GLY B 115 16.38 3.96 -1.26
N VAL B 116 15.09 3.76 -1.53
CA VAL B 116 14.66 3.07 -2.75
C VAL B 116 13.95 4.06 -3.66
N MET B 117 14.10 3.90 -4.96
CA MET B 117 13.35 4.74 -5.87
C MET B 117 12.69 3.88 -6.92
N ILE B 118 11.43 4.20 -7.19
CA ILE B 118 10.60 3.37 -8.07
C ILE B 118 10.37 4.19 -9.31
N SER B 119 11.06 3.81 -10.36
CA SER B 119 11.08 4.62 -11.56
C SER B 119 11.79 3.94 -12.71
N ALA B 120 11.42 4.28 -13.94
CA ALA B 120 12.18 3.84 -15.11
C ALA B 120 12.56 5.04 -15.94
N SER B 121 12.90 6.15 -15.27
CA SER B 121 13.57 7.28 -15.90
C SER B 121 12.79 7.94 -17.07
N HIS B 122 13.37 7.93 -18.26
CA HIS B 122 12.71 8.46 -19.45
C HIS B 122 11.85 7.42 -20.21
N ASN B 123 11.76 6.19 -19.71
CA ASN B 123 11.05 5.12 -20.42
C ASN B 123 9.56 5.37 -20.52
N PRO B 124 8.92 4.77 -21.52
CA PRO B 124 7.44 4.85 -21.61
C PRO B 124 6.76 4.18 -20.40
N VAL B 125 5.47 4.53 -20.15
CA VAL B 125 4.64 4.03 -19.02
C VAL B 125 4.70 2.57 -18.58
N GLN B 126 4.55 1.61 -19.48
CA GLN B 126 4.57 0.19 -19.11
C GLN B 126 5.72 -0.19 -18.15
N ASP B 127 6.82 0.57 -18.27
CA ASP B 127 8.11 0.21 -17.70
C ASP B 127 8.16 0.86 -16.34
N ASN B 128 8.77 0.16 -15.40
CA ASN B 128 9.14 0.75 -14.14
C ASN B 128 10.44 0.10 -13.74
N GLY B 129 11.02 0.58 -12.66
CA GLY B 129 12.31 0.08 -12.23
C GLY B 129 12.49 0.31 -10.76
N ILE B 130 13.45 -0.38 -10.16
CA ILE B 130 13.70 -0.19 -8.74
C ILE B 130 15.19 0.04 -8.54
N LYS B 131 15.57 1.21 -8.04
CA LYS B 131 17.00 1.49 -7.81
C LYS B 131 17.20 1.68 -6.30
N PHE B 132 18.33 1.21 -5.74
CA PHE B 132 18.66 1.39 -4.32
C PHE B 132 19.78 2.41 -4.08
N PHE B 133 19.68 3.12 -2.95
CA PHE B 133 20.81 3.92 -2.51
C PHE B 133 21.28 3.54 -1.13
N GLY B 134 22.58 3.52 -0.92
CA GLY B 134 23.13 3.18 0.41
C GLY B 134 23.22 4.33 1.41
N SER B 135 23.77 4.06 2.59
CA SER B 135 23.78 5.09 3.66
C SER B 135 24.41 6.38 3.16
N ASP B 136 25.46 6.22 2.34
CA ASP B 136 26.22 7.32 1.76
C ASP B 136 25.58 7.94 0.53
N GLY B 137 24.41 7.47 0.14
CA GLY B 137 23.69 8.08 -0.96
C GLY B 137 24.20 7.66 -2.33
N PHE B 138 25.10 6.66 -2.34
CA PHE B 138 25.57 6.01 -3.56
C PHE B 138 24.92 4.66 -3.74
N LYS B 139 25.08 4.11 -4.96
CA LYS B 139 24.38 2.90 -5.35
C LYS B 139 25.17 1.79 -4.71
N LEU B 140 24.53 0.68 -4.42
CA LEU B 140 25.09 -0.31 -3.52
C LEU B 140 26.35 -0.96 -4.09
N THR B 141 27.16 -1.52 -3.21
CA THR B 141 28.36 -2.22 -3.64
C THR B 141 27.95 -3.40 -4.54
N ASP B 142 28.81 -3.72 -5.51
CA ASP B 142 28.65 -4.95 -6.29
C ASP B 142 28.50 -6.14 -5.34
N GLU B 143 29.24 -6.09 -4.21
CA GLU B 143 29.11 -7.06 -3.11
C GLU B 143 27.72 -7.10 -2.42
N GLN B 144 27.11 -5.93 -2.24
CA GLN B 144 25.74 -5.86 -1.69
C GLN B 144 24.70 -6.36 -2.72
N GLU B 145 24.84 -5.84 -3.95
CA GLU B 145 24.01 -6.20 -5.09
C GLU B 145 24.09 -7.71 -5.35
N ALA B 146 25.30 -8.25 -5.35
CA ALA B 146 25.47 -9.69 -5.48
C ALA B 146 24.73 -10.51 -4.40
N GLU B 147 24.54 -9.96 -3.21
CA GLU B 147 24.02 -10.79 -2.15
C GLU B 147 22.50 -10.80 -2.09
N ILE B 148 21.91 -9.66 -2.44
CA ILE B 148 20.48 -9.60 -2.69
C ILE B 148 20.21 -10.63 -3.78
N GLU B 149 20.94 -10.52 -4.90
CA GLU B 149 20.89 -11.49 -6.03
C GLU B 149 20.99 -12.93 -5.56
N ALA B 150 21.88 -13.16 -4.61
CA ALA B 150 22.16 -14.50 -4.12
C ALA B 150 21.03 -14.97 -3.21
N LEU B 151 20.24 -14.03 -2.68
CA LEU B 151 19.08 -14.42 -1.91
C LEU B 151 17.91 -14.61 -2.83
N LEU B 152 17.83 -13.73 -3.82
CA LEU B 152 16.86 -13.84 -4.87
C LEU B 152 16.82 -15.21 -5.54
N ASP B 153 17.95 -15.91 -5.56
CA ASP B 153 17.98 -17.26 -6.11
C ASP B 153 17.64 -18.34 -5.11
N LYS B 154 17.85 -18.09 -3.82
CA LYS B 154 17.71 -19.18 -2.87
C LYS B 154 16.34 -19.90 -2.96
N GLU B 155 16.31 -21.16 -2.55
CA GLU B 155 15.15 -22.03 -2.75
C GLU B 155 13.92 -21.53 -1.96
N VAL B 156 13.80 -21.94 -0.68
CA VAL B 156 12.88 -21.27 0.27
C VAL B 156 13.62 -20.11 0.96
N ASP B 157 12.87 -19.14 1.52
CA ASP B 157 13.54 -18.10 2.30
C ASP B 157 13.46 -18.43 3.77
N GLU B 158 14.61 -18.40 4.42
CA GLU B 158 14.65 -18.68 5.83
C GLU B 158 15.10 -17.39 6.48
N LEU B 159 14.82 -16.29 5.82
CA LEU B 159 15.05 -15.00 6.47
C LEU B 159 14.16 -14.87 7.72
N PRO B 160 14.58 -14.03 8.69
CA PRO B 160 13.79 -13.84 9.91
C PRO B 160 12.44 -13.28 9.56
N ARG B 161 11.42 -13.70 10.31
CA ARG B 161 10.11 -13.12 10.16
C ARG B 161 9.71 -12.58 11.56
N PRO B 162 10.13 -11.35 11.89
CA PRO B 162 9.65 -10.73 13.11
C PRO B 162 8.12 -10.76 13.15
N THR B 163 7.58 -11.04 14.34
CA THR B 163 6.13 -10.98 14.53
C THR B 163 5.73 -9.93 15.59
N GLY B 164 4.42 -9.80 15.87
CA GLY B 164 3.90 -8.88 16.87
C GLY B 164 4.53 -7.49 16.89
N THR B 165 5.21 -7.15 17.97
CA THR B 165 5.67 -5.79 18.14
C THR B 165 7.03 -5.54 17.50
N ASN B 166 7.68 -6.58 16.99
CA ASN B 166 8.96 -6.39 16.23
C ASN B 166 8.79 -6.02 14.76
N LEU B 167 7.55 -5.97 14.30
CA LEU B 167 7.28 -5.60 12.91
C LEU B 167 7.57 -4.13 12.73
N GLY B 168 8.04 -3.80 11.52
CA GLY B 168 8.27 -2.41 11.10
C GLY B 168 7.00 -1.56 11.06
N GLN B 169 7.13 -0.31 11.52
CA GLN B 169 6.08 0.72 11.40
C GLN B 169 6.34 1.46 10.10
N VAL B 170 5.28 1.93 9.46
CA VAL B 170 5.40 2.82 8.33
C VAL B 170 4.83 4.18 8.69
N SER B 171 5.29 5.21 7.99
CA SER B 171 4.81 6.58 8.17
C SER B 171 5.13 7.37 6.88
N ASP B 172 4.58 8.58 6.79
CA ASP B 172 4.84 9.46 5.65
C ASP B 172 5.80 10.56 5.97
N TYR B 173 6.65 10.83 5.00
CA TYR B 173 7.56 11.94 5.11
C TYR B 173 7.43 12.83 3.88
N PHE B 174 6.22 13.38 3.69
CA PHE B 174 5.94 14.03 2.41
C PHE B 174 6.50 15.46 2.31
N GLU B 175 7.12 15.96 3.38
CA GLU B 175 7.86 17.23 3.29
C GLU B 175 9.30 17.05 2.71
N GLY B 176 9.78 15.80 2.70
CA GLY B 176 11.09 15.44 2.12
C GLY B 176 11.46 16.19 0.85
N GLY B 177 10.51 16.27 -0.08
CA GLY B 177 10.67 17.10 -1.27
C GLY B 177 11.14 18.53 -0.97
N GLN B 178 10.49 19.21 0.00
CA GLN B 178 10.86 20.60 0.29
C GLN B 178 12.24 20.65 0.86
N LYS B 179 12.61 19.64 1.66
CA LYS B 179 13.94 19.64 2.28
C LYS B 179 14.93 19.54 1.11
N TYR B 180 14.67 18.59 0.21
CA TYR B 180 15.49 18.47 -0.98
C TYR B 180 15.58 19.79 -1.75
N LEU B 181 14.45 20.43 -2.01
CA LEU B 181 14.48 21.72 -2.71
C LEU B 181 15.28 22.78 -1.98
N GLN B 182 15.23 22.79 -0.63
CA GLN B 182 15.97 23.79 0.16
C GLN B 182 17.45 23.69 -0.08
N TYR B 183 17.91 22.47 -0.12
CA TYR B 183 19.29 22.15 -0.30
C TYR B 183 19.82 22.61 -1.65
N ILE B 184 19.14 22.15 -2.69
CA ILE B 184 19.59 22.34 -4.04
C ILE B 184 19.50 23.81 -4.38
N LYS B 185 18.63 24.52 -3.67
CA LYS B 185 18.46 25.97 -3.83
C LYS B 185 19.74 26.72 -3.57
N GLN B 186 20.35 26.52 -2.41
CA GLN B 186 21.42 27.41 -1.98
C GLN B 186 22.75 27.20 -2.72
N THR B 187 22.77 26.20 -3.59
CA THR B 187 23.94 25.87 -4.38
C THR B 187 24.13 26.85 -5.55
N VAL B 188 23.50 28.01 -5.47
CA VAL B 188 23.50 28.95 -6.56
C VAL B 188 24.06 30.27 -6.05
N GLU B 189 24.66 31.07 -6.96
CA GLU B 189 25.33 32.32 -6.61
C GLU B 189 24.38 33.47 -6.22
N GLU B 190 23.33 33.67 -7.02
CA GLU B 190 22.33 34.71 -6.78
C GLU B 190 20.99 34.28 -7.39
N ASP B 191 19.90 34.93 -6.98
CA ASP B 191 18.60 34.70 -7.58
C ASP B 191 18.64 34.78 -9.13
N PHE B 192 17.55 34.31 -9.74
CA PHE B 192 17.32 34.33 -11.19
C PHE B 192 16.41 35.45 -11.76
N SER B 193 16.37 36.65 -11.17
CA SER B 193 15.32 37.59 -11.57
C SER B 193 15.56 38.23 -12.94
N GLY B 194 14.48 38.58 -13.62
CA GLY B 194 14.58 39.13 -14.96
C GLY B 194 14.80 38.07 -16.04
N LEU B 195 14.82 36.80 -15.63
CA LEU B 195 14.88 35.67 -16.56
C LEU B 195 13.53 35.01 -16.69
N HIS B 196 13.18 34.60 -17.90
CA HIS B 196 11.95 33.85 -18.13
C HIS B 196 12.33 32.42 -18.43
N ILE B 197 11.81 31.49 -17.64
CA ILE B 197 12.22 30.09 -17.72
C ILE B 197 11.02 29.23 -18.09
N ALA B 198 11.13 28.46 -19.17
CA ALA B 198 10.13 27.45 -19.52
C ALA B 198 10.54 26.08 -18.97
N LEU B 199 9.59 25.36 -18.38
CA LEU B 199 9.83 24.00 -17.86
C LEU B 199 8.93 22.98 -18.50
N ASP B 200 9.50 21.81 -18.75
CA ASP B 200 8.77 20.62 -19.17
C ASP B 200 9.16 19.52 -18.19
N CYS B 201 8.19 19.09 -17.39
CA CYS B 201 8.47 18.23 -16.23
C CYS B 201 8.16 16.79 -16.51
N ALA B 202 7.89 16.56 -17.77
CA ALA B 202 7.77 15.24 -18.35
C ALA B 202 6.57 14.50 -17.76
N HIS B 203 5.67 15.26 -17.16
CA HIS B 203 4.57 14.73 -16.40
C HIS B 203 5.09 13.71 -15.40
N GLY B 204 6.25 14.01 -14.81
CA GLY B 204 7.00 13.04 -14.02
C GLY B 204 7.33 13.54 -12.64
N ALA B 205 8.43 13.07 -12.07
CA ALA B 205 8.68 13.33 -10.66
C ALA B 205 8.94 14.80 -10.28
N THR B 206 9.36 15.63 -11.23
CA THR B 206 9.72 17.03 -10.92
C THR B 206 8.52 17.99 -11.02
N SER B 207 7.38 17.45 -11.46
CA SER B 207 6.16 18.22 -11.76
C SER B 207 5.84 19.27 -10.77
N SER B 208 5.94 18.99 -9.48
CA SER B 208 5.66 20.06 -8.56
C SER B 208 6.92 20.67 -8.02
N LEU B 209 7.93 19.82 -7.83
CA LEU B 209 9.24 20.29 -7.44
C LEU B 209 9.78 21.44 -8.28
N ALA B 210 9.90 21.23 -9.60
CA ALA B 210 10.68 22.16 -10.44
C ALA B 210 10.06 23.55 -10.40
N PRO B 211 8.74 23.65 -10.65
CA PRO B 211 8.06 24.94 -10.75
C PRO B 211 8.15 25.74 -9.48
N TYR B 212 8.21 25.06 -8.34
CA TYR B 212 8.34 25.77 -7.09
C TYR B 212 9.74 26.29 -7.09
N LEU B 213 10.65 25.35 -7.32
CA LEU B 213 12.06 25.63 -7.18
C LEU B 213 12.43 26.91 -7.90
N PHE B 214 12.14 26.99 -9.20
CA PHE B 214 12.59 28.17 -9.94
C PHE B 214 11.80 29.42 -9.57
N ALA B 215 10.50 29.26 -9.40
CA ALA B 215 9.64 30.35 -8.97
C ALA B 215 10.21 30.97 -7.69
N ASP B 216 10.52 30.11 -6.71
CA ASP B 216 11.12 30.55 -5.45
C ASP B 216 12.49 31.26 -5.61
N LEU B 217 13.18 31.03 -6.72
CA LEU B 217 14.37 31.81 -7.06
C LEU B 217 14.02 33.02 -7.91
N GLU B 218 12.77 33.47 -7.81
CA GLU B 218 12.32 34.73 -8.47
C GLU B 218 12.64 34.74 -9.98
N ALA B 219 11.99 33.83 -10.72
CA ALA B 219 12.11 33.82 -12.17
C ALA B 219 10.73 33.74 -12.77
N ASP B 220 10.58 34.25 -13.99
CA ASP B 220 9.33 34.08 -14.71
C ASP B 220 9.20 32.67 -15.21
N ILE B 221 8.02 32.09 -15.02
CA ILE B 221 7.83 30.65 -15.17
C ILE B 221 6.67 30.36 -16.11
N SER B 222 6.95 29.55 -17.13
CA SER B 222 5.91 28.91 -17.96
C SER B 222 6.12 27.38 -17.90
N THR B 223 5.04 26.62 -17.96
CA THR B 223 5.21 25.18 -17.72
C THR B 223 4.52 24.38 -18.76
N MET B 224 4.98 23.14 -18.89
CA MET B 224 4.26 22.10 -19.61
C MET B 224 4.72 20.78 -19.02
N GLY B 225 3.97 19.74 -19.27
CA GLY B 225 4.26 18.44 -18.66
C GLY B 225 4.30 18.46 -17.14
N THR B 226 3.22 18.99 -16.54
CA THR B 226 3.10 19.13 -15.08
C THR B 226 1.71 18.68 -14.63
N SER B 227 1.17 17.72 -15.35
CA SER B 227 -0.12 17.23 -15.00
C SER B 227 -0.14 15.70 -15.05
N PRO B 228 0.72 15.04 -14.24
CA PRO B 228 0.71 13.57 -14.28
C PRO B 228 -0.68 13.09 -13.95
N ASN B 229 -1.26 12.27 -14.82
CA ASN B 229 -2.51 11.55 -14.51
C ASN B 229 -2.17 10.10 -14.17
N GLY B 230 -0.90 9.75 -14.33
CA GLY B 230 -0.42 8.43 -13.99
C GLY B 230 -0.11 7.63 -15.25
N MET B 231 -0.71 8.04 -16.35
CA MET B 231 -0.59 7.35 -17.62
C MET B 231 0.29 8.10 -18.60
N ASN B 232 0.60 9.35 -18.29
CA ASN B 232 1.19 10.25 -19.28
C ASN B 232 2.62 10.66 -19.06
N ILE B 233 3.40 9.90 -18.30
CA ILE B 233 4.86 10.24 -18.10
C ILE B 233 5.65 10.11 -19.39
N ASN B 234 6.69 10.92 -19.55
CA ASN B 234 7.48 10.96 -20.80
C ASN B 234 6.71 10.88 -22.13
N ASP B 235 5.39 11.00 -22.14
CA ASP B 235 4.70 10.74 -23.39
C ASP B 235 4.50 11.99 -24.27
N GLY B 236 5.29 12.11 -25.32
CA GLY B 236 5.31 13.33 -26.11
C GLY B 236 5.91 14.54 -25.40
N VAL B 237 6.57 14.32 -24.24
CA VAL B 237 7.10 15.42 -23.41
C VAL B 237 8.38 15.00 -22.67
N GLY B 238 9.02 15.93 -21.96
CA GLY B 238 10.24 15.58 -21.25
C GLY B 238 11.47 15.46 -22.11
N SER B 239 12.63 15.27 -21.48
CA SER B 239 13.89 15.49 -22.17
C SER B 239 14.13 14.75 -23.47
N THR B 240 13.65 13.53 -23.64
CA THR B 240 13.87 12.88 -24.95
C THR B 240 12.92 13.38 -26.04
N HIS B 241 11.97 14.24 -25.68
CA HIS B 241 11.03 14.80 -26.65
C HIS B 241 10.93 16.33 -26.51
N PRO B 242 12.06 17.05 -26.55
CA PRO B 242 12.03 18.46 -26.12
C PRO B 242 11.35 19.44 -27.09
N GLU B 243 10.97 19.00 -28.28
CA GLU B 243 10.40 19.91 -29.29
C GLU B 243 9.16 20.68 -28.87
N VAL B 244 8.13 20.01 -28.36
CA VAL B 244 6.97 20.79 -27.93
C VAL B 244 7.46 21.94 -27.01
N LEU B 245 8.45 21.63 -26.16
CA LEU B 245 9.05 22.65 -25.31
C LEU B 245 9.73 23.71 -26.15
N ALA B 246 10.46 23.26 -27.17
CA ALA B 246 11.20 24.17 -28.03
C ALA B 246 10.23 25.22 -28.57
N GLU B 247 9.09 24.76 -29.07
CA GLU B 247 8.00 25.66 -29.53
C GLU B 247 7.51 26.63 -28.43
N LEU B 248 7.22 26.08 -27.24
CA LEU B 248 6.83 26.87 -26.07
C LEU B 248 7.81 28.01 -25.80
N VAL B 249 9.11 27.70 -25.68
CA VAL B 249 10.11 28.73 -25.46
C VAL B 249 9.98 29.87 -26.46
N LYS B 250 9.93 29.55 -27.76
CA LYS B 250 9.77 30.51 -28.85
C LYS B 250 8.44 31.21 -28.77
N GLU B 251 7.40 30.47 -28.40
CA GLU B 251 6.07 31.04 -28.39
C GLU B 251 5.91 32.06 -27.30
N LYS B 252 6.46 31.76 -26.13
CA LYS B 252 6.30 32.61 -24.96
C LYS B 252 7.61 33.35 -24.75
N GLY B 253 8.30 33.59 -25.85
CA GLY B 253 9.56 34.34 -25.86
C GLY B 253 10.51 34.07 -24.69
N ALA B 254 10.66 32.82 -24.28
CA ALA B 254 11.49 32.48 -23.11
C ALA B 254 13.03 32.69 -23.23
N ASP B 255 13.69 32.83 -22.09
CA ASP B 255 15.14 32.95 -22.08
C ASP B 255 15.82 31.62 -22.19
N ILE B 256 15.10 30.56 -21.81
CA ILE B 256 15.60 29.19 -21.71
C ILE B 256 14.45 28.23 -21.52
N GLY B 257 14.58 27.05 -22.11
CA GLY B 257 13.69 25.93 -21.79
C GLY B 257 14.45 24.84 -21.09
N LEU B 258 13.78 24.17 -20.17
CA LEU B 258 14.39 23.09 -19.40
C LEU B 258 13.45 21.89 -19.38
N ALA B 259 13.77 20.84 -20.17
CA ALA B 259 12.99 19.60 -20.16
C ALA B 259 13.67 18.63 -19.23
N PHE B 260 12.95 18.09 -18.24
CA PHE B 260 13.56 17.05 -17.39
C PHE B 260 13.07 15.71 -17.86
N ASP B 261 13.50 14.59 -17.28
CA ASP B 261 12.93 13.29 -17.68
C ASP B 261 11.98 12.83 -16.61
N GLY B 262 11.30 11.70 -16.85
CA GLY B 262 10.34 11.14 -15.93
C GLY B 262 10.72 11.18 -14.48
N ASP B 263 11.97 10.89 -14.15
CA ASP B 263 12.38 10.95 -12.76
C ASP B 263 13.43 11.98 -12.45
N GLY B 264 13.59 12.94 -13.35
CA GLY B 264 14.44 14.10 -13.11
C GLY B 264 15.88 13.76 -12.89
N ASP B 265 16.39 12.72 -13.55
CA ASP B 265 17.80 12.53 -13.41
C ASP B 265 18.52 13.16 -14.60
N ARG B 266 17.74 13.62 -15.59
CA ARG B 266 18.28 14.17 -16.81
C ARG B 266 17.83 15.57 -17.02
N LEU B 267 18.70 16.37 -17.63
CA LEU B 267 18.26 17.62 -18.20
C LEU B 267 18.68 17.80 -19.66
N ILE B 268 17.74 18.35 -20.41
CA ILE B 268 18.06 18.82 -21.75
C ILE B 268 17.38 20.14 -21.96
N ALA B 269 18.12 21.13 -22.48
CA ALA B 269 17.67 22.51 -22.58
C ALA B 269 17.42 23.04 -23.99
N VAL B 270 16.65 24.14 -24.06
CA VAL B 270 16.42 24.95 -25.27
C VAL B 270 16.91 26.44 -25.14
N ASP B 271 17.77 26.89 -26.05
CA ASP B 271 18.19 28.27 -26.00
C ASP B 271 17.03 29.17 -26.49
N GLU B 272 17.25 30.47 -26.39
CA GLU B 272 16.20 31.44 -26.61
C GLU B 272 15.75 31.41 -28.06
N LYS B 273 16.58 30.90 -28.96
CA LYS B 273 16.21 30.85 -30.38
C LYS B 273 15.47 29.54 -30.68
N GLY B 274 15.36 28.65 -29.68
CA GLY B 274 14.63 27.39 -29.83
C GLY B 274 15.48 26.17 -30.22
N ASN B 275 16.80 26.27 -30.16
CA ASN B 275 17.68 25.14 -30.47
C ASN B 275 17.90 24.28 -29.26
N ILE B 276 17.93 22.98 -29.51
CA ILE B 276 18.20 22.04 -28.43
C ILE B 276 19.65 22.19 -27.89
N VAL B 277 19.84 22.13 -26.58
CA VAL B 277 21.16 22.15 -25.97
C VAL B 277 21.29 20.88 -25.17
N ASP B 278 21.95 19.88 -25.73
CA ASP B 278 22.11 18.53 -25.12
C ASP B 278 23.16 18.42 -23.99
N GLY B 279 23.43 17.19 -23.58
CA GLY B 279 24.23 16.95 -22.41
C GLY B 279 25.67 17.37 -22.56
N ASP B 280 26.18 17.15 -23.77
CA ASP B 280 27.52 17.58 -24.11
C ASP B 280 27.60 19.11 -23.96
N GLN B 281 26.59 19.81 -24.50
CA GLN B 281 26.60 21.29 -24.48
C GLN B 281 26.49 21.85 -23.06
N ILE B 282 25.64 21.28 -22.23
CA ILE B 282 25.54 21.61 -20.81
C ILE B 282 26.88 21.38 -20.06
N MET B 283 27.46 20.17 -20.21
CA MET B 283 28.72 19.83 -19.50
C MET B 283 29.81 20.83 -19.82
N PHE B 284 29.83 21.28 -21.07
CA PHE B 284 30.78 22.32 -21.48
C PHE B 284 30.46 23.67 -20.84
N ILE B 285 29.24 24.18 -21.03
CA ILE B 285 28.86 25.48 -20.48
C ILE B 285 29.29 25.50 -19.03
N CYS B 286 28.93 24.48 -18.26
CA CYS B 286 29.37 24.32 -16.86
C CYS B 286 30.86 24.12 -16.73
N ALA B 287 31.44 23.22 -17.52
CA ALA B 287 32.88 22.98 -17.44
C ALA B 287 33.72 24.26 -17.56
N LYS B 288 33.45 25.08 -18.58
CA LYS B 288 34.19 26.30 -18.87
C LYS B 288 34.08 27.30 -17.71
N TYR B 289 32.87 27.44 -17.18
CA TYR B 289 32.60 28.38 -16.11
C TYR B 289 33.21 27.92 -14.82
N MET B 290 33.04 26.64 -14.50
CA MET B 290 33.68 26.12 -13.31
C MET B 290 35.17 26.38 -13.39
N LYS B 291 35.78 26.07 -14.52
CA LYS B 291 37.20 26.33 -14.72
C LYS B 291 37.54 27.82 -14.57
N GLU B 292 36.74 28.68 -15.20
CA GLU B 292 36.92 30.13 -15.09
C GLU B 292 36.96 30.61 -13.65
N THR B 293 36.20 29.93 -12.79
CA THR B 293 36.06 30.31 -11.39
C THR B 293 36.85 29.36 -10.47
N GLY B 294 37.86 28.71 -11.05
CA GLY B 294 38.77 27.83 -10.33
C GLY B 294 38.13 26.82 -9.41
N GLN B 295 37.02 26.25 -9.82
CA GLN B 295 36.29 25.34 -8.96
C GLN B 295 35.84 24.08 -9.67
N LEU B 296 36.58 23.67 -10.70
CA LEU B 296 36.33 22.45 -11.43
C LEU B 296 37.56 21.56 -11.21
N LYS B 297 37.41 20.49 -10.43
CA LYS B 297 38.55 19.70 -9.92
C LYS B 297 39.43 19.13 -11.00
N HIS B 298 40.74 19.37 -10.86
CA HIS B 298 41.75 18.83 -11.76
C HIS B 298 41.46 19.21 -13.21
N ASN B 299 40.59 20.21 -13.40
CA ASN B 299 40.28 20.68 -14.74
C ASN B 299 39.98 19.56 -15.73
N THR B 300 39.32 18.53 -15.22
CA THR B 300 38.87 17.48 -16.08
C THR B 300 37.34 17.31 -15.99
N VAL B 301 36.73 16.78 -17.05
CA VAL B 301 35.30 16.46 -17.09
C VAL B 301 35.20 15.01 -17.41
N VAL B 302 34.47 14.22 -16.63
CA VAL B 302 34.34 12.82 -17.02
C VAL B 302 33.17 12.68 -18.01
N SER B 303 33.31 11.93 -19.09
CA SER B 303 32.19 11.61 -19.97
C SER B 303 32.31 10.20 -20.50
N THR B 304 31.22 9.67 -21.01
CA THR B 304 31.39 8.43 -21.77
C THR B 304 31.87 8.72 -23.21
N VAL B 305 32.22 7.63 -23.86
CA VAL B 305 32.94 7.72 -25.06
C VAL B 305 31.92 8.03 -26.16
N MET B 306 30.70 8.33 -25.73
CA MET B 306 29.55 8.60 -26.58
C MET B 306 29.44 10.06 -26.99
N SER B 307 30.10 10.98 -26.27
CA SER B 307 30.05 12.42 -26.58
C SER B 307 30.68 12.77 -27.94
N ASN B 308 30.29 13.89 -28.52
CA ASN B 308 30.76 14.08 -29.86
C ASN B 308 32.12 14.78 -29.98
N LEU B 309 32.78 14.59 -31.11
CA LEU B 309 34.06 15.23 -31.32
C LEU B 309 34.05 16.67 -30.92
N GLY B 310 33.14 17.46 -31.49
CA GLY B 310 33.12 18.91 -31.21
C GLY B 310 33.18 19.23 -29.73
N PHE B 311 32.51 18.40 -28.90
CA PHE B 311 32.54 18.48 -27.45
C PHE B 311 33.98 18.42 -26.94
N TYR B 312 34.64 17.33 -27.27
CA TYR B 312 35.98 17.10 -26.82
C TYR B 312 36.92 18.19 -27.25
N LYS B 313 36.79 18.53 -28.52
CA LYS B 313 37.64 19.53 -29.16
C LYS B 313 37.46 20.94 -28.54
N ALA B 314 36.25 21.27 -28.08
CA ALA B 314 36.02 22.53 -27.35
C ALA B 314 36.46 22.48 -25.88
N LEU B 315 36.61 21.27 -25.34
CA LEU B 315 37.20 21.10 -24.01
C LEU B 315 38.70 21.24 -24.09
N GLU B 316 39.30 20.94 -25.26
CA GLU B 316 40.76 21.01 -25.39
C GLU B 316 41.20 22.47 -25.59
N ALA B 317 40.79 23.13 -26.67
CA ALA B 317 40.67 24.57 -26.66
C ALA B 317 40.03 24.82 -25.31
N ASN B 318 40.58 25.70 -24.48
CA ASN B 318 40.11 25.85 -23.05
C ASN B 318 40.88 25.04 -21.97
N GLY B 319 41.92 24.30 -22.36
CA GLY B 319 42.75 23.54 -21.41
C GLY B 319 41.97 22.81 -20.34
N ILE B 320 40.95 22.08 -20.78
CA ILE B 320 40.20 21.21 -19.91
C ILE B 320 40.47 19.77 -20.35
N THR B 321 40.89 18.92 -19.42
CA THR B 321 41.11 17.52 -19.70
C THR B 321 39.78 16.77 -19.76
N SER B 322 39.61 16.05 -20.86
CA SER B 322 38.46 15.20 -21.11
C SER B 322 38.83 13.82 -20.62
N ASP B 323 37.99 13.20 -19.85
CA ASP B 323 38.30 11.87 -19.38
C ASP B 323 37.09 11.03 -19.81
N LYS B 324 37.35 9.88 -20.45
CA LYS B 324 36.34 9.11 -21.12
C LYS B 324 36.19 7.71 -20.59
N THR B 325 34.96 7.35 -20.28
CA THR B 325 34.68 6.01 -19.86
C THR B 325 33.84 5.30 -20.92
N ALA B 326 33.79 3.98 -20.79
CA ALA B 326 32.74 3.11 -21.38
C ALA B 326 31.33 3.63 -21.06
N VAL B 327 30.31 3.06 -21.70
CA VAL B 327 28.99 3.65 -21.62
C VAL B 327 28.20 3.15 -20.41
N GLY B 328 27.48 4.08 -19.75
CA GLY B 328 26.75 3.85 -18.47
C GLY B 328 27.00 4.90 -17.38
N ASP B 329 26.02 5.13 -16.51
CA ASP B 329 26.21 6.07 -15.38
C ASP B 329 27.24 5.47 -14.40
N ARG B 330 27.15 4.16 -14.12
CA ARG B 330 28.02 3.46 -13.13
C ARG B 330 29.49 3.81 -13.34
N TYR B 331 29.94 3.67 -14.59
CA TYR B 331 31.30 3.95 -15.00
C TYR B 331 31.72 5.41 -14.84
N VAL B 332 30.80 6.35 -15.04
CA VAL B 332 31.13 7.75 -14.87
C VAL B 332 31.33 8.09 -13.38
N MET B 333 30.47 7.54 -12.53
CA MET B 333 30.48 7.85 -11.13
C MET B 333 31.78 7.31 -10.55
N GLU B 334 32.07 6.06 -10.89
CA GLU B 334 33.31 5.44 -10.47
C GLU B 334 34.49 6.30 -10.78
N GLU B 335 34.60 6.69 -12.05
CA GLU B 335 35.70 7.52 -12.50
C GLU B 335 35.79 8.81 -11.69
N MET B 336 34.64 9.43 -11.42
CA MET B 336 34.61 10.71 -10.74
C MET B 336 35.08 10.47 -9.32
N LYS B 337 34.41 9.51 -8.67
CA LYS B 337 34.81 8.98 -7.37
C LYS B 337 36.31 8.73 -7.23
N ARG B 338 36.89 8.00 -8.16
CA ARG B 338 38.29 7.60 -8.07
C ARG B 338 39.26 8.81 -8.22
N GLY B 339 39.03 9.63 -9.24
CA GLY B 339 39.95 10.71 -9.59
C GLY B 339 39.59 12.03 -8.92
N GLY B 340 38.61 11.98 -8.01
CA GLY B 340 38.20 13.17 -7.29
C GLY B 340 37.67 14.30 -8.14
N TYR B 341 37.17 13.97 -9.33
CA TYR B 341 36.55 14.98 -10.21
C TYR B 341 35.14 15.33 -9.74
N ASN B 342 34.63 16.46 -10.22
CA ASN B 342 33.39 17.05 -9.68
C ASN B 342 32.34 17.46 -10.70
N LEU B 343 32.57 17.09 -11.96
CA LEU B 343 31.61 17.28 -13.02
C LEU B 343 31.76 16.18 -14.01
N GLY B 344 30.67 15.44 -14.20
CA GLY B 344 30.63 14.36 -15.19
C GLY B 344 29.29 14.29 -15.91
N GLY B 345 29.19 13.40 -16.88
CA GLY B 345 27.89 13.16 -17.45
C GLY B 345 27.88 12.53 -18.80
N GLU B 346 26.69 12.54 -19.41
CA GLU B 346 26.46 11.96 -20.74
C GLU B 346 25.77 12.97 -21.66
N GLN B 347 25.93 12.75 -22.96
CA GLN B 347 25.13 13.42 -23.96
C GLN B 347 23.65 13.50 -23.59
N SER B 348 23.14 12.44 -22.96
CA SER B 348 21.69 12.27 -22.67
C SER B 348 21.19 13.33 -21.67
N GLY B 349 22.11 13.95 -20.94
CA GLY B 349 21.76 14.99 -20.01
C GLY B 349 21.80 14.49 -18.57
N HIS B 350 22.25 13.24 -18.38
CA HIS B 350 22.46 12.71 -17.04
C HIS B 350 23.74 13.32 -16.57
N ILE B 351 23.67 14.39 -15.75
CA ILE B 351 24.88 15.13 -15.38
C ILE B 351 25.10 15.07 -13.88
N ILE B 352 26.35 15.01 -13.44
CA ILE B 352 26.64 14.84 -12.02
C ILE B 352 27.46 16.00 -11.46
N LEU B 353 26.96 16.65 -10.42
CA LEU B 353 27.75 17.65 -9.77
C LEU B 353 28.00 17.08 -8.39
N LEU B 354 29.11 16.33 -8.29
CA LEU B 354 29.39 15.57 -7.10
C LEU B 354 29.52 16.39 -5.87
N ASP B 355 29.97 17.62 -6.00
CA ASP B 355 30.13 18.42 -4.83
C ASP B 355 28.78 18.52 -4.13
N TYR B 356 27.68 18.51 -4.87
CA TYR B 356 26.38 18.73 -4.21
C TYR B 356 25.54 17.52 -3.93
N ILE B 357 25.66 16.48 -4.72
CA ILE B 357 24.62 15.51 -4.79
C ILE B 357 25.24 14.18 -5.24
N THR B 358 24.70 13.03 -4.83
CA THR B 358 25.43 11.77 -5.05
C THR B 358 24.95 10.96 -6.24
N THR B 359 24.30 11.63 -7.18
CA THR B 359 23.79 10.97 -8.36
C THR B 359 23.45 11.99 -9.42
N GLY B 360 23.19 11.55 -10.62
CA GLY B 360 22.76 12.47 -11.66
C GLY B 360 21.60 13.25 -11.12
N ASP B 361 21.63 14.54 -11.37
CA ASP B 361 20.56 15.42 -10.94
C ASP B 361 20.17 16.48 -11.95
N GLY B 362 19.03 16.24 -12.61
CA GLY B 362 18.49 17.14 -13.63
C GLY B 362 18.23 18.56 -13.16
N MET B 363 17.51 18.72 -12.06
CA MET B 363 17.13 20.06 -11.66
C MET B 363 18.34 20.84 -11.20
N LEU B 364 19.25 20.14 -10.53
CA LEU B 364 20.50 20.71 -10.07
C LEU B 364 21.33 21.28 -11.23
N SER B 365 21.52 20.48 -12.29
CA SER B 365 22.16 20.95 -13.54
C SER B 365 21.49 22.21 -14.09
N ALA B 366 20.15 22.18 -14.12
CA ALA B 366 19.34 23.33 -14.49
C ALA B 366 19.79 24.56 -13.71
N LEU B 367 19.82 24.48 -12.38
CA LEU B 367 20.15 25.65 -11.58
C LEU B 367 21.55 26.13 -11.92
N GLN B 368 22.49 25.21 -11.94
CA GLN B 368 23.84 25.53 -12.32
C GLN B 368 23.88 26.20 -13.67
N LEU B 369 23.17 25.68 -14.67
CA LEU B 369 23.18 26.26 -16.02
C LEU B 369 22.61 27.66 -15.99
N VAL B 370 21.40 27.78 -15.41
CA VAL B 370 20.70 29.06 -15.37
C VAL B 370 21.58 30.03 -14.62
N ASN B 371 22.26 29.51 -13.60
CA ASN B 371 23.27 30.29 -12.94
C ASN B 371 24.34 31.00 -13.80
N ILE B 372 24.98 30.27 -14.70
CA ILE B 372 25.94 30.86 -15.59
C ILE B 372 25.29 32.02 -16.35
N MET B 373 24.15 31.75 -16.97
CA MET B 373 23.46 32.74 -17.80
C MET B 373 23.31 34.08 -17.09
N LYS B 374 22.91 33.97 -15.82
CA LYS B 374 22.65 35.06 -14.93
C LYS B 374 23.96 35.72 -14.54
N MET B 375 24.98 34.94 -14.13
CA MET B 375 26.29 35.50 -13.77
C MET B 375 27.04 36.12 -14.94
N THR B 376 27.00 35.53 -16.13
CA THR B 376 27.80 36.02 -17.28
C THR B 376 27.09 37.14 -18.01
N LYS B 377 25.80 37.31 -17.68
CA LYS B 377 24.88 38.22 -18.36
C LYS B 377 24.75 37.84 -19.85
N LYS B 378 24.90 36.54 -20.15
CA LYS B 378 24.82 36.03 -21.53
C LYS B 378 23.56 35.20 -21.75
N PRO B 379 23.07 35.17 -23.00
CA PRO B 379 21.95 34.31 -23.31
C PRO B 379 22.44 32.91 -23.74
N LEU B 380 21.60 31.89 -23.57
CA LEU B 380 22.07 30.53 -23.78
C LEU B 380 22.68 30.29 -25.14
N SER B 381 22.15 30.90 -26.19
CA SER B 381 22.69 30.59 -27.52
C SER B 381 24.19 30.85 -27.59
N GLU B 382 24.64 31.95 -27.00
CA GLU B 382 26.04 32.30 -26.98
C GLU B 382 26.90 31.48 -25.99
N LEU B 383 26.29 30.92 -24.96
CA LEU B 383 27.02 30.01 -24.11
C LEU B 383 27.25 28.66 -24.86
N ALA B 384 26.16 28.02 -25.33
CA ALA B 384 26.22 26.80 -26.16
C ALA B 384 27.04 26.98 -27.42
N GLY B 385 26.92 28.16 -28.01
CA GLY B 385 27.57 28.41 -29.27
C GLY B 385 29.07 28.46 -29.13
N GLU B 386 29.57 28.48 -27.92
CA GLU B 386 31.01 28.52 -27.74
C GLU B 386 31.64 27.22 -28.20
N MET B 387 30.88 26.13 -28.12
CA MET B 387 31.37 24.79 -28.49
C MET B 387 30.67 24.42 -29.77
N THR B 388 31.30 23.67 -30.65
CA THR B 388 30.52 23.30 -31.81
C THR B 388 30.24 21.81 -31.93
N LYS B 389 28.96 21.45 -32.07
CA LYS B 389 28.58 20.07 -32.34
C LYS B 389 29.04 19.71 -33.76
N PHE B 390 29.77 18.59 -33.90
CA PHE B 390 30.02 17.94 -35.18
C PHE B 390 28.91 16.93 -35.47
N PRO B 391 28.70 16.56 -36.77
CA PRO B 391 27.69 15.54 -37.17
C PRO B 391 27.74 14.21 -36.41
N GLN B 392 26.58 13.81 -35.88
CA GLN B 392 26.47 12.64 -35.06
C GLN B 392 25.00 12.32 -35.22
N LEU B 393 24.71 11.02 -35.16
CA LEU B 393 23.35 10.48 -35.09
C LEU B 393 23.41 9.22 -34.26
N LEU B 394 22.43 9.06 -33.39
CA LEU B 394 22.28 7.82 -32.65
C LEU B 394 20.81 7.44 -32.82
N VAL B 395 20.56 6.29 -33.44
CA VAL B 395 19.21 5.77 -33.67
C VAL B 395 19.10 4.46 -32.89
N ASN B 396 18.01 4.27 -32.14
CA ASN B 396 17.80 3.10 -31.26
C ASN B 396 16.82 2.12 -31.81
N VAL B 397 17.26 0.96 -32.30
CA VAL B 397 16.30 -0.05 -32.78
C VAL B 397 15.63 -0.83 -31.62
N ARG B 398 14.29 -0.93 -31.68
CA ARG B 398 13.41 -1.65 -30.69
C ARG B 398 13.35 -3.14 -30.97
N VAL B 399 14.03 -3.93 -30.13
CA VAL B 399 14.49 -5.26 -30.50
C VAL B 399 14.03 -6.30 -29.43
N THR B 400 14.08 -7.61 -29.72
CA THR B 400 13.74 -8.64 -28.69
C THR B 400 14.85 -9.60 -28.18
N ASP B 401 16.09 -9.49 -28.66
CA ASP B 401 17.23 -10.19 -27.99
C ASP B 401 18.65 -9.60 -28.24
N LYS B 402 19.01 -8.56 -27.46
CA LYS B 402 20.38 -7.95 -27.44
C LYS B 402 21.51 -8.95 -27.69
N LYS B 403 21.58 -9.99 -26.85
CA LYS B 403 22.42 -11.15 -27.10
C LYS B 403 22.50 -11.44 -28.60
N LEU B 404 21.52 -12.24 -29.07
CA LEU B 404 21.45 -12.72 -30.46
C LEU B 404 21.71 -11.56 -31.40
N ALA B 405 20.89 -10.52 -31.27
CA ALA B 405 20.99 -9.28 -32.04
C ALA B 405 22.38 -8.89 -32.59
N LEU B 406 23.36 -8.63 -31.70
CA LEU B 406 24.68 -8.10 -32.08
C LEU B 406 25.58 -9.14 -32.78
N GLU B 407 25.62 -10.36 -32.23
CA GLU B 407 26.34 -11.47 -32.84
C GLU B 407 25.52 -12.10 -33.99
N ASN B 408 25.17 -11.31 -35.02
CA ASN B 408 24.28 -11.78 -36.09
C ASN B 408 24.76 -11.53 -37.51
N GLU B 409 24.32 -12.44 -38.39
CA GLU B 409 24.76 -12.53 -39.78
C GLU B 409 24.40 -11.32 -40.65
N LYS B 410 23.16 -10.84 -40.59
CA LYS B 410 22.73 -9.69 -41.41
C LYS B 410 23.11 -8.31 -40.83
N ILE B 411 23.55 -8.29 -39.57
CA ILE B 411 23.96 -7.03 -38.92
C ILE B 411 25.50 -6.97 -38.84
N LYS B 412 26.12 -7.87 -38.07
CA LYS B 412 27.58 -7.91 -37.89
C LYS B 412 28.45 -7.37 -39.05
N GLU B 413 28.19 -7.86 -40.27
CA GLU B 413 29.01 -7.55 -41.46
C GLU B 413 28.93 -6.10 -41.97
N ILE B 414 27.71 -5.57 -42.10
CA ILE B 414 27.52 -4.19 -42.58
C ILE B 414 28.56 -3.30 -41.92
N ILE B 415 28.52 -3.29 -40.58
CA ILE B 415 29.49 -2.63 -39.71
C ILE B 415 30.93 -2.69 -40.26
N ARG B 416 31.40 -3.91 -40.58
CA ARG B 416 32.71 -4.10 -41.21
C ARG B 416 32.89 -3.13 -42.38
N VAL B 417 32.03 -3.25 -43.39
CA VAL B 417 32.13 -2.48 -44.65
C VAL B 417 32.21 -0.96 -44.46
N VAL B 418 31.30 -0.42 -43.65
CA VAL B 418 31.29 0.99 -43.32
C VAL B 418 32.58 1.44 -42.65
N GLU B 419 33.01 0.73 -41.59
CA GLU B 419 34.19 1.15 -40.80
C GLU B 419 35.38 1.60 -41.66
N GLU B 420 35.94 0.66 -42.42
CA GLU B 420 37.04 0.96 -43.36
C GLU B 420 36.49 1.75 -44.56
N GLU B 421 36.10 2.99 -44.28
CA GLU B 421 35.57 3.91 -45.27
C GLU B 421 35.75 5.30 -44.71
N MET B 422 35.31 5.50 -43.47
CA MET B 422 35.57 6.76 -42.78
C MET B 422 37.04 6.96 -42.44
N ASN B 423 37.73 5.89 -42.05
CA ASN B 423 39.19 5.93 -41.77
C ASN B 423 39.58 7.00 -40.74
N GLY B 424 40.60 7.82 -41.08
CA GLY B 424 40.85 9.12 -40.42
C GLY B 424 39.97 9.40 -39.18
N ASP B 425 38.74 9.96 -39.28
CA ASP B 425 38.02 10.54 -40.46
C ASP B 425 36.51 10.20 -40.32
N GLY B 426 36.10 9.87 -39.09
CA GLY B 426 34.74 9.46 -38.75
C GLY B 426 34.85 8.29 -37.80
N ARG B 427 33.72 7.77 -37.30
CA ARG B 427 33.71 6.59 -36.40
C ARG B 427 32.35 5.92 -36.25
N ILE B 428 32.36 4.74 -35.60
CA ILE B 428 31.14 3.96 -35.31
C ILE B 428 31.16 3.29 -33.92
N LEU B 429 29.94 3.09 -33.39
CA LEU B 429 29.73 2.45 -32.08
C LEU B 429 28.34 1.84 -32.12
N VAL B 430 28.33 0.53 -32.26
CA VAL B 430 27.09 -0.24 -32.29
C VAL B 430 27.16 -1.16 -31.05
N ARG B 431 26.08 -1.17 -30.27
CA ARG B 431 26.08 -1.97 -29.02
C ARG B 431 24.68 -2.12 -28.34
N PRO B 432 24.50 -3.19 -27.57
CA PRO B 432 23.37 -3.43 -26.69
C PRO B 432 23.25 -2.35 -25.63
N SER B 433 22.07 -2.19 -25.02
CA SER B 433 21.89 -1.11 -24.03
C SER B 433 22.36 -1.47 -22.61
N GLY B 434 21.76 -2.47 -22.00
CA GLY B 434 22.09 -2.74 -20.60
C GLY B 434 20.92 -2.53 -19.65
N THR B 435 19.98 -1.66 -20.06
CA THR B 435 18.75 -1.41 -19.28
C THR B 435 17.41 -1.33 -20.07
N GLU B 436 17.50 -0.93 -21.35
CA GLU B 436 16.33 -0.91 -22.24
C GLU B 436 16.36 -2.06 -23.28
N PRO B 437 15.18 -2.45 -23.81
CA PRO B 437 15.10 -3.37 -24.97
C PRO B 437 15.40 -2.72 -26.34
N LEU B 438 16.52 -2.02 -26.44
CA LEU B 438 16.98 -1.48 -27.74
C LEU B 438 18.47 -1.72 -28.01
N ILE B 439 18.83 -1.75 -29.30
CA ILE B 439 20.24 -1.61 -29.69
C ILE B 439 20.54 -0.13 -29.98
N ARG B 440 21.74 0.29 -29.67
CA ARG B 440 22.06 1.65 -29.92
C ARG B 440 23.01 1.68 -31.11
N VAL B 441 22.62 2.35 -32.19
CA VAL B 441 23.53 2.57 -33.34
C VAL B 441 23.97 4.02 -33.49
N MET B 442 25.28 4.22 -33.42
CA MET B 442 25.79 5.56 -33.49
C MET B 442 26.92 5.71 -34.47
N ALA B 443 26.87 6.85 -35.17
CA ALA B 443 27.95 7.27 -36.07
C ALA B 443 28.24 8.76 -35.88
N GLU B 444 29.50 9.11 -36.01
CA GLU B 444 29.79 10.49 -36.29
C GLU B 444 30.73 10.57 -37.49
N ALA B 445 30.50 11.56 -38.37
CA ALA B 445 31.37 11.75 -39.56
C ALA B 445 31.45 13.25 -40.03
N PRO B 446 32.17 13.53 -41.13
CA PRO B 446 32.31 14.92 -41.50
C PRO B 446 31.01 15.64 -41.95
N THR B 447 29.94 14.91 -42.27
CA THR B 447 28.71 15.61 -42.61
C THR B 447 27.50 14.88 -42.08
N GLN B 448 26.53 15.65 -41.62
CA GLN B 448 25.29 15.04 -41.25
C GLN B 448 24.75 14.09 -42.32
N GLU B 449 24.87 14.46 -43.59
CA GLU B 449 24.42 13.58 -44.68
C GLU B 449 25.04 12.16 -44.57
N VAL B 450 26.36 12.00 -44.71
CA VAL B 450 26.97 10.66 -44.58
C VAL B 450 26.66 9.97 -43.27
N CYS B 451 26.68 10.75 -42.19
CA CYS B 451 26.36 10.25 -40.88
C CYS B 451 25.01 9.53 -40.85
N ASP B 452 23.97 10.22 -41.28
CA ASP B 452 22.62 9.67 -41.33
C ASP B 452 22.52 8.47 -42.25
N ALA B 453 23.23 8.53 -43.37
CA ALA B 453 23.22 7.44 -44.33
C ALA B 453 23.93 6.24 -43.72
N TYR B 454 25.09 6.47 -43.10
CA TYR B 454 25.77 5.39 -42.40
C TYR B 454 24.82 4.69 -41.46
N VAL B 455 24.15 5.44 -40.58
CA VAL B 455 23.23 4.83 -39.62
C VAL B 455 22.00 4.14 -40.28
N HIS B 456 21.10 4.88 -40.94
CA HIS B 456 19.84 4.26 -41.39
C HIS B 456 20.08 2.98 -42.18
N ARG B 457 21.23 2.89 -42.87
CA ARG B 457 21.69 1.68 -43.56
C ARG B 457 21.71 0.48 -42.61
N ILE B 458 22.42 0.64 -41.51
CA ILE B 458 22.45 -0.39 -40.49
C ILE B 458 21.03 -0.62 -39.97
N VAL B 459 20.44 0.43 -39.39
CA VAL B 459 19.07 0.44 -38.82
C VAL B 459 17.99 -0.40 -39.57
N GLU B 460 17.56 0.06 -40.75
CA GLU B 460 16.59 -0.68 -41.57
C GLU B 460 16.83 -2.19 -41.38
N VAL B 461 18.11 -2.58 -41.42
CA VAL B 461 18.59 -3.96 -41.26
C VAL B 461 18.28 -4.60 -39.91
N VAL B 462 18.72 -3.95 -38.82
CA VAL B 462 18.37 -4.39 -37.45
C VAL B 462 16.84 -4.51 -37.35
N LYS B 463 16.16 -3.41 -37.73
CA LYS B 463 14.69 -3.32 -37.83
C LYS B 463 14.06 -4.52 -38.54
N ALA B 464 14.66 -4.90 -39.67
CA ALA B 464 14.22 -6.05 -40.47
C ALA B 464 14.63 -7.40 -39.86
N GLU B 465 15.89 -7.53 -39.41
CA GLU B 465 16.36 -8.81 -38.87
C GLU B 465 15.68 -9.16 -37.52
N VAL B 466 15.86 -8.31 -36.49
CA VAL B 466 15.48 -8.65 -35.08
C VAL B 466 14.20 -7.98 -34.50
N GLY B 467 13.06 -8.20 -35.18
CA GLY B 467 11.75 -7.69 -34.75
C GLY B 467 11.69 -6.16 -34.68
#